data_7D4M
#
_entry.id   7D4M
#
_cell.length_a   69.025
_cell.length_b   81.837
_cell.length_c   97.929
_cell.angle_alpha   90.000
_cell.angle_beta   98.120
_cell.angle_gamma   90.000
#
_symmetry.space_group_name_H-M   'P 1 21 1'
#
loop_
_entity.id
_entity.type
_entity.pdbx_description
1 polymer 'Flavin-containing monooxygenase FMO'
2 non-polymer 'NADP NICOTINAMIDE-ADENINE-DINUCLEOTIDE PHOSPHATE'
3 non-polymer 'FLAVIN-ADENINE DINUCLEOTIDE'
4 water water
#
_entity_poly.entity_id   1
_entity_poly.type   'polypeptide(L)'
_entity_poly.pdbx_seq_one_letter_code
;MGSSHHHHHHSSGLVPRGSHMSKVAIIGAGPCGLSILRAFEHLEKKGEKIPEIVCFEKQESWGGLWNYNWRTGSDQYGDP
VPNSMYRYLWSNGPKECLEFADYSFDQHFGKSIPSFPPREVLQDYILGRVSKGNIKNKIKFNTRVINTVYRNDKFEINYQ
DKVNDKTLSDTFDYLVVSTGHFSVPFIPEYEGMSSFPGRIMHSHDFRDAEEFRGKNVIVLGSSYSAEDVALQCNKYGAKS
VTIGYRHNPMGFKWPKGMKEVHYLDKLDGKKAIFKDGTEQDADVVILCTGYLHHFPFLDESLKLKTHNRLYPPKLYKGVV
WQDNHKLLYLGMQDQFHTFNMFDCQAWFARDVIMDKIKMPSDDEIDKDINKWVSMEEKLENPDQMIDFQTEYTKELHNIS
DYPKIDFELIRKHFKEWEHHKVEDILTYRNKSFSSPVTGSVAPVHHTPWEKAMDDSMKTFLNKR
;
_entity_poly.pdbx_strand_id   A,B
#
loop_
_chem_comp.id
_chem_comp.type
_chem_comp.name
_chem_comp.formula
FAD non-polymer 'FLAVIN-ADENINE DINUCLEOTIDE' 'C27 H33 N9 O15 P2'
NAP non-polymer 'NADP NICOTINAMIDE-ADENINE-DINUCLEOTIDE PHOSPHATE' 'C21 H28 N7 O17 P3'
#
# COMPACT_ATOMS: atom_id res chain seq x y z
N MET A 21 38.25 -5.94 -4.71
CA MET A 21 37.86 -7.34 -4.85
C MET A 21 36.54 -7.63 -4.14
N SER A 22 36.05 -6.64 -3.41
CA SER A 22 34.82 -6.79 -2.66
C SER A 22 33.58 -6.78 -3.55
N LYS A 23 32.44 -7.08 -2.94
CA LYS A 23 31.16 -7.06 -3.64
C LYS A 23 30.23 -6.13 -2.85
N VAL A 24 29.58 -5.21 -3.56
CA VAL A 24 28.80 -4.15 -2.94
C VAL A 24 27.34 -4.20 -3.40
N ALA A 25 26.41 -4.17 -2.45
CA ALA A 25 25.00 -4.06 -2.79
C ALA A 25 24.50 -2.63 -2.54
N ILE A 26 23.67 -2.12 -3.44
CA ILE A 26 23.03 -0.82 -3.27
C ILE A 26 21.52 -1.06 -3.37
N ILE A 27 20.75 -0.59 -2.39
CA ILE A 27 19.29 -0.69 -2.47
C ILE A 27 18.68 0.66 -2.86
N GLY A 28 18.14 0.71 -4.08
CA GLY A 28 17.46 1.88 -4.61
C GLY A 28 18.29 2.57 -5.68
N ALA A 29 17.65 2.91 -6.81
CA ALA A 29 18.31 3.60 -7.91
C ALA A 29 17.63 4.95 -8.11
N GLY A 30 17.35 5.65 -7.00
CA GLY A 30 16.93 7.03 -7.05
C GLY A 30 18.17 7.91 -6.99
N PRO A 31 17.99 9.21 -6.80
CA PRO A 31 19.15 10.12 -6.74
C PRO A 31 20.31 9.59 -5.91
N CYS A 32 20.07 9.03 -4.73
CA CYS A 32 21.18 8.58 -3.90
C CYS A 32 21.92 7.36 -4.46
N GLY A 33 21.19 6.33 -4.85
CA GLY A 33 21.82 5.15 -5.42
C GLY A 33 22.60 5.51 -6.68
N LEU A 34 22.02 6.37 -7.51
CA LEU A 34 22.69 6.85 -8.71
C LEU A 34 23.93 7.68 -8.38
N SER A 35 23.87 8.48 -7.30
CA SER A 35 25.04 9.24 -6.85
C SER A 35 26.21 8.31 -6.59
N ILE A 36 25.96 7.19 -5.91
CA ILE A 36 27.10 6.35 -5.58
C ILE A 36 27.58 5.51 -6.77
N LEU A 37 26.64 5.09 -7.62
CA LEU A 37 27.02 4.46 -8.88
C LEU A 37 27.89 5.41 -9.69
N ARG A 38 27.48 6.67 -9.75
CA ARG A 38 28.25 7.70 -10.44
C ARG A 38 29.62 7.92 -9.78
N ALA A 39 29.65 7.93 -8.45
CA ALA A 39 30.92 8.12 -7.74
C ALA A 39 31.89 7.00 -8.13
N PHE A 40 31.40 5.77 -8.17
CA PHE A 40 32.25 4.66 -8.58
C PHE A 40 32.66 4.75 -10.05
N GLU A 41 31.75 5.25 -10.88
CA GLU A 41 32.03 5.37 -12.32
C GLU A 41 33.22 6.30 -12.55
N HIS A 42 33.31 7.36 -11.75
CA HIS A 42 34.45 8.28 -11.86
C HIS A 42 35.78 7.56 -11.73
N LEU A 43 35.89 6.66 -10.76
CA LEU A 43 37.11 5.90 -10.57
C LEU A 43 37.36 4.94 -11.72
N GLU A 44 36.31 4.22 -12.13
CA GLU A 44 36.48 3.27 -13.22
C GLU A 44 36.97 3.96 -14.49
N LYS A 45 36.41 5.12 -14.79
CA LYS A 45 36.83 5.87 -15.97
C LYS A 45 38.30 6.30 -15.94
N LYS A 46 38.84 6.50 -14.75
CA LYS A 46 40.23 6.91 -14.60
C LYS A 46 41.19 5.73 -14.74
N GLY A 47 40.63 4.52 -14.73
CA GLY A 47 41.43 3.32 -14.85
C GLY A 47 41.61 2.54 -13.57
N GLU A 48 40.92 2.96 -12.53
CA GLU A 48 40.99 2.30 -11.26
C GLU A 48 40.07 1.08 -11.25
N LYS A 49 40.52 -0.03 -10.71
CA LYS A 49 39.65 -1.18 -10.56
C LYS A 49 38.66 -0.88 -9.44
N ILE A 50 37.41 -1.29 -9.61
CA ILE A 50 36.41 -1.01 -8.60
C ILE A 50 35.67 -2.31 -8.25
N PRO A 51 35.01 -2.33 -7.10
CA PRO A 51 34.34 -3.58 -6.71
C PRO A 51 33.17 -3.95 -7.61
N GLU A 52 32.72 -5.20 -7.52
CA GLU A 52 31.50 -5.61 -8.22
C GLU A 52 30.34 -4.96 -7.49
N ILE A 53 29.48 -4.28 -8.24
CA ILE A 53 28.35 -3.56 -7.64
C ILE A 53 27.04 -4.05 -8.22
N VAL A 54 26.11 -4.37 -7.33
CA VAL A 54 24.76 -4.77 -7.72
C VAL A 54 23.78 -3.81 -7.08
N CYS A 55 22.93 -3.20 -7.90
CA CYS A 55 21.93 -2.25 -7.40
C CYS A 55 20.54 -2.84 -7.62
N PHE A 56 19.75 -2.88 -6.55
CA PHE A 56 18.38 -3.42 -6.59
C PHE A 56 17.39 -2.27 -6.62
N GLU A 57 16.43 -2.33 -7.55
CA GLU A 57 15.42 -1.27 -7.65
C GLU A 57 14.05 -1.90 -7.87
N LYS A 58 13.09 -1.56 -7.01
CA LYS A 58 11.77 -2.16 -7.11
C LYS A 58 10.92 -1.58 -8.24
N GLN A 59 11.23 -0.36 -8.67
CA GLN A 59 10.55 0.21 -9.82
C GLN A 59 11.01 -0.44 -11.14
N GLU A 60 10.30 -0.15 -12.20
CA GLU A 60 10.65 -0.64 -13.52
C GLU A 60 11.88 0.07 -14.10
N SER A 61 12.16 1.24 -13.57
CA SER A 61 13.24 2.04 -14.08
C SER A 61 13.86 2.91 -13.01
N TRP A 62 14.98 3.51 -13.34
CA TRP A 62 15.70 4.33 -12.38
C TRP A 62 15.07 5.71 -12.27
N GLY A 63 15.45 6.47 -11.24
CA GLY A 63 14.90 7.80 -11.06
C GLY A 63 14.30 8.05 -9.67
N GLY A 64 13.95 6.98 -8.97
CA GLY A 64 13.40 7.14 -7.61
C GLY A 64 12.12 7.97 -7.58
N LEU A 65 12.02 8.88 -6.61
CA LEU A 65 10.85 9.76 -6.50
C LEU A 65 10.63 10.66 -7.69
N TRP A 66 11.67 10.85 -8.52
CA TRP A 66 11.55 11.71 -9.68
C TRP A 66 10.78 11.08 -10.86
N ASN A 67 10.38 9.82 -10.71
CA ASN A 67 9.50 9.17 -11.68
C ASN A 67 8.05 9.39 -11.29
N TYR A 68 7.24 9.88 -12.23
CA TYR A 68 5.81 9.96 -12.03
C TYR A 68 5.20 8.59 -12.30
N ASN A 69 4.33 8.17 -11.40
CA ASN A 69 3.63 6.89 -11.49
C ASN A 69 2.16 7.15 -11.14
N TRP A 70 1.24 6.81 -12.05
CA TRP A 70 -0.19 6.96 -11.77
C TRP A 70 -0.61 6.03 -10.63
N ARG A 71 0.17 5.00 -10.38
CA ARG A 71 -0.18 3.99 -9.40
C ARG A 71 -0.18 4.58 -7.99
N THR A 72 -1.08 4.07 -7.16
CA THR A 72 -1.12 4.41 -5.74
C THR A 72 -1.24 3.14 -4.92
N GLY A 73 -0.84 3.21 -3.66
CA GLY A 73 -1.03 2.09 -2.75
C GLY A 73 0.00 0.99 -2.96
N SER A 74 -0.32 0.02 -3.82
CA SER A 74 0.60 -1.07 -4.10
C SER A 74 0.44 -1.45 -5.57
N ASP A 75 1.44 -2.14 -6.11
CA ASP A 75 1.46 -2.35 -7.56
C ASP A 75 0.86 -3.69 -7.96
N GLN A 76 1.03 -4.07 -9.22
CA GLN A 76 0.40 -5.29 -9.71
C GLN A 76 1.00 -6.55 -9.09
N TYR A 77 2.13 -6.40 -8.40
CA TYR A 77 2.78 -7.53 -7.74
C TYR A 77 2.57 -7.55 -6.23
N GLY A 78 1.77 -6.61 -5.74
CA GLY A 78 1.51 -6.48 -4.32
C GLY A 78 2.58 -5.70 -3.57
N ASP A 79 3.49 -5.06 -4.31
CA ASP A 79 4.57 -4.28 -3.71
C ASP A 79 4.11 -2.84 -3.50
N PRO A 80 4.25 -2.30 -2.28
CA PRO A 80 3.86 -0.90 -2.07
C PRO A 80 4.52 0.04 -3.08
N VAL A 81 3.76 1.02 -3.55
CA VAL A 81 4.24 1.98 -4.53
C VAL A 81 5.11 3.04 -3.84
N PRO A 82 6.37 3.16 -4.26
CA PRO A 82 7.27 4.11 -3.58
C PRO A 82 7.14 5.56 -4.11
N ASN A 83 6.46 5.73 -5.23
CA ASN A 83 6.29 7.05 -5.85
C ASN A 83 5.35 7.98 -5.07
N SER A 84 5.79 9.22 -4.84
CA SER A 84 4.97 10.23 -4.16
C SER A 84 4.73 11.50 -4.97
N MET A 85 5.40 11.63 -6.11
CA MET A 85 5.26 12.85 -6.89
C MET A 85 3.96 12.87 -7.69
N TYR A 86 3.42 14.07 -7.89
CA TYR A 86 2.13 14.23 -8.56
C TYR A 86 2.29 14.98 -9.88
N ARG A 87 1.23 14.93 -10.69
CA ARG A 87 1.17 15.74 -11.91
C ARG A 87 1.29 17.21 -11.53
N TYR A 88 1.82 18.02 -12.45
CA TYR A 88 1.94 19.47 -12.25
C TYR A 88 2.96 19.86 -11.19
N LEU A 89 3.84 18.94 -10.83
CA LEU A 89 4.84 19.25 -9.82
C LEU A 89 6.00 20.02 -10.43
N TRP A 90 6.42 21.08 -9.74
CA TRP A 90 7.60 21.86 -10.13
C TRP A 90 8.61 21.86 -8.97
N SER A 91 9.89 22.00 -9.31
CA SER A 91 10.98 22.15 -8.34
C SER A 91 10.53 23.11 -7.24
N ASN A 92 10.70 22.74 -5.97
CA ASN A 92 10.24 23.62 -4.90
C ASN A 92 11.35 24.46 -4.29
N GLY A 93 12.60 24.15 -4.65
CA GLY A 93 13.72 25.00 -4.31
C GLY A 93 14.49 25.37 -5.56
N PRO A 94 15.40 26.34 -5.47
CA PRO A 94 16.14 26.75 -6.67
C PRO A 94 16.93 25.57 -7.23
N LYS A 95 16.89 25.36 -8.54
CA LYS A 95 17.63 24.24 -9.08
C LYS A 95 19.12 24.45 -8.83
N GLU A 96 19.55 25.71 -8.76
CA GLU A 96 20.96 26.00 -8.54
C GLU A 96 21.48 25.43 -7.21
N CYS A 97 20.58 25.21 -6.26
CA CYS A 97 21.00 24.63 -4.98
C CYS A 97 21.22 23.13 -5.05
N LEU A 98 20.76 22.49 -6.11
CA LEU A 98 20.92 21.03 -6.23
C LEU A 98 21.79 20.61 -7.41
N GLU A 99 22.50 21.55 -8.03
CA GLU A 99 23.29 21.21 -9.20
C GLU A 99 24.39 20.22 -8.86
N PHE A 100 24.68 19.29 -9.78
CA PHE A 100 25.77 18.33 -9.63
C PHE A 100 27.08 19.04 -9.93
N ALA A 101 28.06 18.93 -9.05
CA ALA A 101 29.36 19.56 -9.30
C ALA A 101 30.06 18.96 -10.51
N ASP A 102 29.75 17.70 -10.81
CA ASP A 102 30.46 16.98 -11.88
C ASP A 102 29.64 16.87 -13.16
N TYR A 103 28.54 17.60 -13.22
CA TYR A 103 27.64 17.52 -14.37
C TYR A 103 26.70 18.71 -14.33
N SER A 104 27.17 19.84 -14.85
CA SER A 104 26.47 21.11 -14.66
C SER A 104 25.19 21.19 -15.48
N PHE A 105 24.30 22.09 -15.08
CA PHE A 105 23.13 22.35 -15.90
C PHE A 105 23.50 22.82 -17.31
N ASP A 106 24.52 23.67 -17.39
CA ASP A 106 25.03 24.13 -18.70
C ASP A 106 25.45 22.95 -19.56
N GLN A 107 26.09 21.98 -18.95
CA GLN A 107 26.55 20.85 -19.72
C GLN A 107 25.38 20.03 -20.21
N HIS A 108 24.43 19.73 -19.34
CA HIS A 108 23.31 18.92 -19.73
C HIS A 108 22.42 19.58 -20.74
N PHE A 109 22.06 20.82 -20.49
CA PHE A 109 21.02 21.49 -21.28
C PHE A 109 21.59 22.33 -22.44
N GLY A 110 22.86 22.69 -22.35
CA GLY A 110 23.52 23.45 -23.40
C GLY A 110 23.13 24.91 -23.48
N LYS A 111 22.44 25.39 -22.44
CA LYS A 111 21.99 26.76 -22.37
C LYS A 111 21.47 26.99 -20.95
N SER A 112 21.39 28.25 -20.53
CA SER A 112 20.78 28.56 -19.25
C SER A 112 19.27 28.40 -19.33
N ILE A 113 18.66 27.84 -18.29
CA ILE A 113 17.21 27.67 -18.22
C ILE A 113 16.74 28.18 -16.84
N PRO A 114 15.42 28.41 -16.68
CA PRO A 114 14.94 29.01 -15.42
C PRO A 114 15.27 28.18 -14.18
N SER A 115 15.14 28.80 -13.00
CA SER A 115 15.60 28.18 -11.76
C SER A 115 14.66 27.13 -11.18
N PHE A 116 13.39 27.16 -11.58
CA PHE A 116 12.41 26.26 -10.99
C PHE A 116 11.69 25.45 -12.06
N PRO A 117 12.33 24.39 -12.55
CA PRO A 117 11.71 23.65 -13.64
C PRO A 117 10.70 22.60 -13.20
N PRO A 118 9.88 22.12 -14.14
CA PRO A 118 8.94 21.06 -13.75
C PRO A 118 9.67 19.74 -13.55
N ARG A 119 9.02 18.78 -12.88
CA ARG A 119 9.63 17.50 -12.56
C ARG A 119 10.38 16.84 -13.71
N GLU A 120 9.74 16.76 -14.87
CA GLU A 120 10.29 16.01 -16.00
C GLU A 120 11.66 16.57 -16.41
N VAL A 121 11.82 17.87 -16.30
CA VAL A 121 13.09 18.53 -16.60
C VAL A 121 14.20 18.09 -15.63
N LEU A 122 13.92 18.08 -14.33
CA LEU A 122 14.94 17.65 -13.38
C LEU A 122 15.19 16.13 -13.46
N GLN A 123 14.14 15.36 -13.71
CA GLN A 123 14.29 13.94 -13.96
C GLN A 123 15.26 13.70 -15.13
N ASP A 124 15.10 14.48 -16.20
CA ASP A 124 15.94 14.34 -17.39
C ASP A 124 17.42 14.61 -17.07
N TYR A 125 17.64 15.59 -16.18
CA TYR A 125 18.97 15.98 -15.73
C TYR A 125 19.61 14.86 -14.88
N ILE A 126 18.85 14.34 -13.92
CA ILE A 126 19.34 13.25 -13.06
C ILE A 126 19.79 12.04 -13.89
N LEU A 127 18.92 11.59 -14.79
CA LEU A 127 19.20 10.41 -15.58
C LEU A 127 20.27 10.68 -16.64
N GLY A 128 20.32 11.91 -17.14
CA GLY A 128 21.34 12.28 -18.11
C GLY A 128 22.75 12.03 -17.60
N ARG A 129 22.98 12.34 -16.33
CA ARG A 129 24.30 12.18 -15.75
C ARG A 129 24.82 10.75 -15.79
N VAL A 130 23.92 9.78 -15.65
CA VAL A 130 24.33 8.39 -15.48
C VAL A 130 24.08 7.50 -16.72
N SER A 131 23.55 8.08 -17.78
CA SER A 131 23.06 7.29 -18.87
C SER A 131 24.05 7.12 -20.04
N LYS A 132 25.26 7.61 -19.88
CA LYS A 132 26.23 7.54 -20.97
C LYS A 132 27.07 6.29 -20.96
N GLY A 133 27.26 5.71 -19.78
CA GLY A 133 28.14 4.57 -19.58
C GLY A 133 27.44 3.31 -19.11
N ASN A 134 28.13 2.53 -18.28
CA ASN A 134 27.71 1.18 -17.94
C ASN A 134 26.90 1.07 -16.66
N ILE A 135 26.48 2.19 -16.10
CA ILE A 135 25.76 2.17 -14.84
C ILE A 135 24.43 1.42 -14.92
N LYS A 136 23.65 1.67 -15.97
CA LYS A 136 22.32 1.06 -16.01
C LYS A 136 22.39 -0.48 -15.98
N ASN A 137 23.43 -1.04 -16.58
CA ASN A 137 23.57 -2.51 -16.58
C ASN A 137 23.83 -3.13 -15.22
N LYS A 138 24.18 -2.30 -14.24
CA LYS A 138 24.45 -2.81 -12.89
C LYS A 138 23.18 -2.93 -12.06
N ILE A 139 22.06 -2.47 -12.60
CA ILE A 139 20.82 -2.39 -11.80
C ILE A 139 19.84 -3.48 -12.19
N LYS A 140 19.30 -4.13 -11.18
CA LYS A 140 18.21 -5.09 -11.36
C LYS A 140 16.88 -4.41 -11.04
N PHE A 141 16.05 -4.25 -12.06
CA PHE A 141 14.78 -3.55 -11.89
C PHE A 141 13.65 -4.53 -11.56
N ASN A 142 12.51 -3.96 -11.22
CA ASN A 142 11.49 -4.81 -10.60
CA ASN A 142 11.52 -4.78 -10.54
C ASN A 142 11.81 -6.02 -9.61
N THR A 143 12.82 -5.53 -8.89
CA THR A 143 13.49 -6.34 -7.90
C THR A 143 13.49 -5.66 -6.53
N ARG A 144 12.90 -6.32 -5.54
CA ARG A 144 12.72 -5.76 -4.21
C ARG A 144 13.53 -6.50 -3.15
N VAL A 145 14.41 -5.79 -2.47
CA VAL A 145 15.11 -6.43 -1.37
C VAL A 145 14.11 -6.66 -0.23
N ILE A 146 14.12 -7.86 0.34
CA ILE A 146 13.14 -8.21 1.38
C ILE A 146 13.73 -8.67 2.73
N ASN A 147 14.97 -9.13 2.73
CA ASN A 147 15.60 -9.58 3.97
CA ASN A 147 15.61 -9.64 3.95
C ASN A 147 17.10 -9.36 3.95
N THR A 148 17.63 -8.87 5.06
CA THR A 148 19.06 -8.65 5.19
C THR A 148 19.54 -9.03 6.59
N VAL A 149 20.51 -9.93 6.65
CA VAL A 149 21.20 -10.20 7.90
C VAL A 149 22.71 -10.15 7.68
N TYR A 150 23.43 -9.79 8.73
CA TYR A 150 24.89 -9.74 8.69
C TYR A 150 25.45 -10.95 9.42
N ARG A 151 26.16 -11.80 8.67
CA ARG A 151 26.61 -13.09 9.18
C ARG A 151 27.97 -13.42 8.59
N ASN A 152 28.91 -13.81 9.45
CA ASN A 152 30.23 -14.21 9.00
C ASN A 152 30.87 -13.19 8.06
N ASP A 153 30.85 -11.93 8.49
CA ASP A 153 31.47 -10.83 7.75
C ASP A 153 30.82 -10.51 6.41
N LYS A 154 29.58 -10.94 6.22
CA LYS A 154 28.89 -10.63 4.99
C LYS A 154 27.42 -10.30 5.19
N PHE A 155 26.88 -9.43 4.33
CA PHE A 155 25.45 -9.20 4.30
C PHE A 155 24.79 -10.25 3.43
N GLU A 156 23.97 -11.09 4.05
CA GLU A 156 23.18 -12.06 3.31
C GLU A 156 21.84 -11.42 2.97
N ILE A 157 21.56 -11.29 1.68
CA ILE A 157 20.41 -10.54 1.20
C ILE A 157 19.45 -11.41 0.40
N ASN A 158 18.19 -11.43 0.82
CA ASN A 158 17.15 -12.02 0.00
C ASN A 158 16.42 -10.92 -0.75
N TYR A 159 16.15 -11.17 -2.02
CA TYR A 159 15.40 -10.22 -2.83
C TYR A 159 14.37 -10.90 -3.71
N GLN A 160 13.28 -10.20 -3.98
CA GLN A 160 12.23 -10.74 -4.81
C GLN A 160 12.33 -10.25 -6.24
N ASP A 161 12.50 -11.20 -7.14
CA ASP A 161 12.33 -10.96 -8.57
C ASP A 161 10.82 -10.89 -8.79
N LYS A 162 10.29 -9.68 -8.92
CA LYS A 162 8.85 -9.52 -8.91
C LYS A 162 8.15 -10.11 -10.12
N VAL A 163 8.76 -9.96 -11.29
CA VAL A 163 8.13 -10.45 -12.51
CA VAL A 163 8.16 -10.46 -12.53
C VAL A 163 7.97 -11.97 -12.50
N ASN A 164 8.91 -12.68 -11.91
CA ASN A 164 8.85 -14.14 -11.81
C ASN A 164 8.25 -14.63 -10.48
N ASP A 165 8.08 -13.70 -9.54
CA ASP A 165 7.63 -14.03 -8.18
C ASP A 165 8.51 -15.09 -7.54
N LYS A 166 9.80 -14.81 -7.48
CA LYS A 166 10.79 -15.76 -6.99
C LYS A 166 11.74 -15.07 -6.04
N THR A 167 12.07 -15.74 -4.93
CA THR A 167 13.05 -15.20 -4.00
C THR A 167 14.44 -15.67 -4.40
N LEU A 168 15.36 -14.72 -4.55
CA LEU A 168 16.76 -15.04 -4.78
C LEU A 168 17.61 -14.53 -3.62
N SER A 169 18.84 -15.02 -3.54
CA SER A 169 19.73 -14.65 -2.46
C SER A 169 21.14 -14.40 -2.98
N ASP A 170 21.85 -13.51 -2.31
CA ASP A 170 23.25 -13.28 -2.62
C ASP A 170 23.94 -12.71 -1.40
N THR A 171 25.26 -12.65 -1.45
CA THR A 171 26.04 -12.20 -0.32
CA THR A 171 26.03 -12.16 -0.31
C THR A 171 26.99 -11.07 -0.73
N PHE A 172 27.13 -10.06 0.12
CA PHE A 172 27.94 -8.88 -0.17
C PHE A 172 28.81 -8.48 1.00
N ASP A 173 29.92 -7.81 0.69
CA ASP A 173 30.83 -7.31 1.72
C ASP A 173 30.36 -5.99 2.31
N TYR A 174 29.72 -5.17 1.46
CA TYR A 174 29.20 -3.87 1.88
C TYR A 174 27.78 -3.69 1.41
N LEU A 175 27.00 -2.95 2.18
CA LEU A 175 25.63 -2.67 1.83
C LEU A 175 25.35 -1.17 1.95
N VAL A 176 24.84 -0.59 0.87
CA VAL A 176 24.47 0.82 0.85
C VAL A 176 22.96 0.88 0.77
N VAL A 177 22.35 1.50 1.77
CA VAL A 177 20.90 1.67 1.79
C VAL A 177 20.52 3.06 1.28
N SER A 178 19.92 3.10 0.10
CA SER A 178 19.49 4.37 -0.48
C SER A 178 18.03 4.31 -0.93
N THR A 179 17.15 3.99 0.02
CA THR A 179 15.74 3.79 -0.30
C THR A 179 14.87 4.99 0.04
N GLY A 180 15.52 6.12 0.34
CA GLY A 180 14.80 7.34 0.70
C GLY A 180 13.99 7.24 1.99
N HIS A 181 13.23 8.29 2.27
CA HIS A 181 12.34 8.30 3.43
C HIS A 181 11.08 9.14 3.22
N PHE A 182 10.67 9.27 1.97
CA PHE A 182 9.43 9.98 1.64
C PHE A 182 8.52 9.10 0.77
N SER A 183 8.41 7.81 1.11
CA SER A 183 7.61 6.87 0.33
C SER A 183 6.52 6.20 1.13
N VAL A 184 6.85 5.79 2.34
CA VAL A 184 5.88 5.09 3.21
C VAL A 184 5.26 6.12 4.12
N PRO A 185 3.97 6.42 3.90
CA PRO A 185 3.34 7.56 4.56
C PRO A 185 3.03 7.30 6.02
N PHE A 186 3.16 8.35 6.83
CA PHE A 186 2.58 8.35 8.16
C PHE A 186 1.18 8.94 8.06
N ILE A 187 0.18 8.18 8.50
CA ILE A 187 -1.22 8.55 8.27
C ILE A 187 -1.98 8.50 9.60
N PRO A 188 -2.16 9.66 10.25
CA PRO A 188 -2.82 9.69 11.57
C PRO A 188 -4.35 9.71 11.45
N GLU A 189 -5.01 9.12 12.42
CA GLU A 189 -6.46 9.14 12.45
C GLU A 189 -7.02 10.33 13.19
N TYR A 190 -8.08 10.91 12.67
CA TYR A 190 -8.85 11.96 13.34
C TYR A 190 -10.27 11.49 13.60
N GLU A 191 -10.86 11.99 14.68
CA GLU A 191 -12.24 11.64 15.02
C GLU A 191 -13.19 11.84 13.83
N GLY A 192 -14.06 10.88 13.58
CA GLY A 192 -15.08 11.04 12.56
C GLY A 192 -14.72 10.57 11.16
N MET A 193 -13.47 10.16 10.97
CA MET A 193 -13.05 9.67 9.66
C MET A 193 -13.84 8.42 9.29
N SER A 194 -14.20 7.61 10.28
CA SER A 194 -14.89 6.36 10.00
C SER A 194 -16.28 6.58 9.41
N SER A 195 -16.82 7.79 9.57
CA SER A 195 -18.13 8.10 8.99
C SER A 195 -18.11 9.20 7.94
N PHE A 196 -16.92 9.61 7.53
CA PHE A 196 -16.77 10.64 6.51
C PHE A 196 -17.17 10.10 5.15
N PRO A 197 -18.02 10.82 4.41
CA PRO A 197 -18.51 10.33 3.11
C PRO A 197 -17.65 10.73 1.90
N GLY A 198 -16.60 11.50 2.11
CA GLY A 198 -15.75 11.92 1.00
C GLY A 198 -14.49 11.08 0.94
N ARG A 199 -13.47 11.59 0.24
CA ARG A 199 -12.22 10.86 0.15
C ARG A 199 -11.26 11.26 1.26
N ILE A 200 -10.60 10.29 1.88
CA ILE A 200 -9.51 10.59 2.78
C ILE A 200 -8.27 9.96 2.18
N MET A 201 -7.21 10.75 2.06
CA MET A 201 -6.00 10.29 1.40
C MET A 201 -4.78 10.95 2.03
N HIS A 202 -3.60 10.42 1.76
CA HIS A 202 -2.35 11.04 2.21
C HIS A 202 -1.75 11.74 0.99
N SER A 203 -0.90 12.73 1.20
CA SER A 203 -0.24 13.38 0.07
C SER A 203 0.50 12.38 -0.83
N HIS A 204 0.97 11.28 -0.23
CA HIS A 204 1.59 10.19 -0.99
C HIS A 204 0.69 9.67 -2.11
N ASP A 205 -0.62 9.83 -1.94
CA ASP A 205 -1.63 9.32 -2.89
C ASP A 205 -1.99 10.36 -3.95
N PHE A 206 -1.49 11.59 -3.78
CA PHE A 206 -1.93 12.70 -4.62
C PHE A 206 -1.35 12.50 -6.03
N ARG A 207 -2.21 12.59 -7.03
CA ARG A 207 -1.76 12.33 -8.40
C ARG A 207 -2.13 13.45 -9.35
N ASP A 208 -3.41 13.61 -9.67
CA ASP A 208 -3.81 14.70 -10.56
C ASP A 208 -4.77 15.66 -9.86
N ALA A 209 -4.34 16.90 -9.65
CA ALA A 209 -5.17 17.87 -8.93
C ALA A 209 -6.52 18.18 -9.60
N GLU A 210 -6.65 17.87 -10.89
CA GLU A 210 -7.93 18.05 -11.58
C GLU A 210 -9.04 17.20 -10.94
N GLU A 211 -8.61 16.15 -10.23
CA GLU A 211 -9.54 15.31 -9.51
C GLU A 211 -10.42 16.15 -8.57
N PHE A 212 -9.86 17.24 -8.05
CA PHE A 212 -10.55 18.00 -7.02
C PHE A 212 -11.13 19.32 -7.50
N ARG A 213 -11.19 19.50 -8.82
CA ARG A 213 -11.81 20.71 -9.36
C ARG A 213 -13.24 20.83 -8.86
N GLY A 214 -13.59 21.99 -8.33
CA GLY A 214 -14.93 22.25 -7.83
C GLY A 214 -15.26 21.59 -6.50
N LYS A 215 -14.25 21.07 -5.81
CA LYS A 215 -14.47 20.40 -4.52
C LYS A 215 -13.94 21.24 -3.36
N ASN A 216 -14.47 20.98 -2.17
CA ASN A 216 -13.91 21.59 -0.97
C ASN A 216 -12.83 20.69 -0.40
N VAL A 217 -11.62 21.21 -0.31
CA VAL A 217 -10.47 20.43 0.09
C VAL A 217 -9.95 20.83 1.46
N ILE A 218 -9.65 19.84 2.29
CA ILE A 218 -8.97 20.03 3.55
C ILE A 218 -7.59 19.45 3.44
N VAL A 219 -6.58 20.23 3.80
CA VAL A 219 -5.20 19.81 3.85
C VAL A 219 -4.74 19.93 5.30
N LEU A 220 -4.19 18.85 5.83
CA LEU A 220 -3.63 18.86 7.17
C LEU A 220 -2.13 18.72 7.09
N GLY A 221 -1.41 19.66 7.70
CA GLY A 221 0.04 19.60 7.78
C GLY A 221 0.61 20.99 7.67
N SER A 222 1.92 21.13 7.95
CA SER A 222 2.54 22.46 7.98
C SER A 222 3.91 22.50 7.31
N SER A 223 4.16 21.57 6.41
CA SER A 223 5.45 21.51 5.73
C SER A 223 5.27 21.57 4.20
N TYR A 224 6.29 21.13 3.48
CA TYR A 224 6.33 21.28 2.03
C TYR A 224 5.15 20.66 1.28
N SER A 225 4.74 19.46 1.69
CA SER A 225 3.62 18.81 1.04
C SER A 225 2.34 19.59 1.27
N ALA A 226 2.10 20.03 2.50
CA ALA A 226 0.85 20.75 2.78
C ALA A 226 0.81 22.03 1.96
N GLU A 227 1.94 22.72 1.92
CA GLU A 227 2.07 23.96 1.17
C GLU A 227 1.77 23.72 -0.31
N ASP A 228 2.46 22.76 -0.90
CA ASP A 228 2.38 22.63 -2.35
C ASP A 228 1.07 21.97 -2.80
N VAL A 229 0.63 20.97 -2.03
CA VAL A 229 -0.64 20.33 -2.36
C VAL A 229 -1.80 21.33 -2.25
N ALA A 230 -1.82 22.16 -1.21
CA ALA A 230 -2.86 23.16 -1.11
C ALA A 230 -2.86 24.09 -2.33
N LEU A 231 -1.69 24.56 -2.71
CA LEU A 231 -1.56 25.42 -3.89
C LEU A 231 -2.01 24.71 -5.18
N GLN A 232 -1.62 23.45 -5.37
CA GLN A 232 -2.01 22.75 -6.59
C GLN A 232 -3.54 22.63 -6.66
N CYS A 233 -4.18 22.32 -5.52
CA CYS A 233 -5.63 22.18 -5.50
C CYS A 233 -6.30 23.47 -5.92
N ASN A 234 -5.82 24.58 -5.37
CA ASN A 234 -6.35 25.89 -5.73
C ASN A 234 -6.08 26.18 -7.21
N LYS A 235 -4.85 25.94 -7.64
CA LYS A 235 -4.42 26.20 -9.02
C LYS A 235 -5.30 25.45 -10.03
N TYR A 236 -5.64 24.21 -9.71
CA TYR A 236 -6.43 23.35 -10.60
C TYR A 236 -7.91 23.31 -10.26
N GLY A 237 -8.39 24.37 -9.61
CA GLY A 237 -9.82 24.65 -9.59
C GLY A 237 -10.65 24.21 -8.41
N ALA A 238 -10.00 23.85 -7.31
CA ALA A 238 -10.76 23.48 -6.11
C ALA A 238 -11.69 24.62 -5.72
N LYS A 239 -12.89 24.27 -5.27
CA LYS A 239 -13.84 25.28 -4.82
C LYS A 239 -13.28 26.05 -3.63
N SER A 240 -12.66 25.32 -2.70
CA SER A 240 -11.98 25.95 -1.58
C SER A 240 -10.88 25.04 -1.07
N VAL A 241 -9.90 25.64 -0.43
CA VAL A 241 -8.84 24.90 0.24
C VAL A 241 -8.68 25.45 1.66
N THR A 242 -8.79 24.55 2.64
CA THR A 242 -8.62 24.93 4.03
C THR A 242 -7.49 24.11 4.64
N ILE A 243 -6.45 24.79 5.09
CA ILE A 243 -5.29 24.14 5.67
C ILE A 243 -5.38 24.14 7.19
N GLY A 244 -5.31 22.96 7.80
CA GLY A 244 -5.29 22.85 9.25
C GLY A 244 -3.87 22.65 9.75
N TYR A 245 -3.50 23.36 10.81
CA TYR A 245 -2.18 23.17 11.42
C TYR A 245 -2.34 22.76 12.87
N ARG A 246 -1.41 21.96 13.38
CA ARG A 246 -1.50 21.56 14.79
C ARG A 246 -0.82 22.54 15.72
N HIS A 247 0.33 23.05 15.31
CA HIS A 247 1.19 23.84 16.20
C HIS A 247 1.21 25.31 15.82
N ASN A 248 1.77 25.59 14.65
CA ASN A 248 1.83 26.95 14.14
C ASN A 248 1.51 26.96 12.65
N PRO A 249 0.94 28.07 12.17
CA PRO A 249 0.66 28.14 10.73
C PRO A 249 1.93 28.36 9.93
N MET A 250 1.90 27.97 8.66
CA MET A 250 2.98 28.28 7.76
C MET A 250 3.05 29.80 7.60
N GLY A 251 1.88 30.43 7.54
CA GLY A 251 1.79 31.88 7.57
C GLY A 251 2.06 32.58 6.26
N PHE A 252 2.14 31.81 5.18
CA PHE A 252 2.32 32.38 3.84
C PHE A 252 1.09 33.17 3.43
N LYS A 253 1.27 34.01 2.40
CA LYS A 253 0.23 34.85 1.84
C LYS A 253 -0.63 34.06 0.87
N TRP A 254 -1.63 33.34 1.40
CA TRP A 254 -2.47 32.48 0.57
C TRP A 254 -3.45 33.29 -0.27
N PRO A 255 -3.69 32.84 -1.51
CA PRO A 255 -4.62 33.52 -2.41
C PRO A 255 -6.08 33.27 -2.03
N LYS A 256 -6.97 33.98 -2.71
CA LYS A 256 -8.41 33.79 -2.52
C LYS A 256 -8.81 32.32 -2.64
N GLY A 257 -9.73 31.90 -1.79
CA GLY A 257 -10.19 30.53 -1.80
C GLY A 257 -9.38 29.63 -0.89
N MET A 258 -8.39 30.20 -0.19
CA MET A 258 -7.58 29.44 0.74
C MET A 258 -7.53 30.09 2.12
N LYS A 259 -7.49 29.27 3.16
CA LYS A 259 -7.33 29.75 4.52
C LYS A 259 -6.59 28.73 5.37
N GLU A 260 -5.99 29.20 6.47
CA GLU A 260 -5.23 28.36 7.36
C GLU A 260 -5.80 28.49 8.78
N VAL A 261 -6.14 27.35 9.38
CA VAL A 261 -6.84 27.33 10.67
C VAL A 261 -6.24 26.29 11.61
N HIS A 262 -6.51 26.45 12.90
CA HIS A 262 -5.92 25.60 13.90
C HIS A 262 -6.63 24.30 14.23
N TYR A 263 -5.99 23.18 13.90
CA TYR A 263 -6.21 21.84 14.47
C TYR A 263 -7.58 21.18 14.19
N LEU A 264 -7.59 20.17 13.33
CA LEU A 264 -8.83 19.47 13.07
C LEU A 264 -9.30 18.76 14.34
N ASP A 265 -10.50 19.08 14.78
CA ASP A 265 -11.10 18.43 15.94
C ASP A 265 -11.83 17.16 15.52
N LYS A 266 -12.66 17.26 14.49
CA LYS A 266 -13.40 16.09 14.02
C LYS A 266 -14.07 16.33 12.69
N LEU A 267 -14.38 15.22 12.01
CA LEU A 267 -15.24 15.27 10.85
C LEU A 267 -16.60 14.85 11.35
N ASP A 268 -17.60 15.63 11.02
CA ASP A 268 -18.95 15.33 11.43
C ASP A 268 -19.77 15.23 10.19
N GLY A 269 -19.88 14.02 9.68
CA GLY A 269 -20.37 13.84 8.35
C GLY A 269 -19.43 14.58 7.44
N LYS A 270 -19.98 15.44 6.60
CA LYS A 270 -19.23 16.21 5.65
C LYS A 270 -18.52 17.43 6.21
N LYS A 271 -18.72 17.71 7.49
CA LYS A 271 -18.24 18.96 8.03
C LYS A 271 -16.95 18.78 8.77
N ALA A 272 -15.94 19.52 8.37
CA ALA A 272 -14.69 19.54 9.14
C ALA A 272 -14.81 20.60 10.23
N ILE A 273 -14.54 20.21 11.46
CA ILE A 273 -14.66 21.11 12.60
C ILE A 273 -13.30 21.29 13.26
N PHE A 274 -12.85 22.54 13.38
CA PHE A 274 -11.52 22.78 13.93
C PHE A 274 -11.60 23.29 15.35
N LYS A 275 -10.48 23.20 16.05
CA LYS A 275 -10.46 23.57 17.45
C LYS A 275 -10.63 25.08 17.66
N ASP A 276 -10.26 25.88 16.66
CA ASP A 276 -10.47 27.32 16.75
C ASP A 276 -11.90 27.73 16.41
N GLY A 277 -12.74 26.73 16.14
CA GLY A 277 -14.15 26.97 15.91
C GLY A 277 -14.59 27.01 14.46
N THR A 278 -13.64 27.01 13.53
CA THR A 278 -13.96 27.01 12.12
C THR A 278 -14.76 25.77 11.76
N GLU A 279 -15.76 25.93 10.91
CA GLU A 279 -16.46 24.78 10.35
C GLU A 279 -16.43 24.88 8.84
N GLN A 280 -16.03 23.81 8.17
CA GLN A 280 -15.88 23.83 6.73
C GLN A 280 -16.42 22.56 6.09
N ASP A 281 -17.36 22.70 5.16
CA ASP A 281 -17.85 21.54 4.43
C ASP A 281 -16.66 20.97 3.68
N ALA A 282 -16.50 19.65 3.72
CA ALA A 282 -15.36 19.01 3.11
C ALA A 282 -15.73 17.86 2.18
N ASP A 283 -15.08 17.81 1.02
CA ASP A 283 -15.27 16.75 0.06
C ASP A 283 -14.10 15.80 0.11
N VAL A 284 -12.95 16.29 0.51
CA VAL A 284 -11.76 15.47 0.57
C VAL A 284 -10.88 15.97 1.69
N VAL A 285 -10.24 15.04 2.38
CA VAL A 285 -9.23 15.40 3.36
C VAL A 285 -7.92 14.81 2.88
N ILE A 286 -6.94 15.67 2.71
CA ILE A 286 -5.61 15.27 2.28
C ILE A 286 -4.62 15.44 3.43
N LEU A 287 -4.15 14.31 3.96
CA LEU A 287 -3.24 14.31 5.09
C LEU A 287 -1.83 14.48 4.58
N CYS A 288 -1.27 15.66 4.77
CA CYS A 288 0.10 15.96 4.36
C CYS A 288 0.97 15.87 5.60
N THR A 289 1.01 14.66 6.15
CA THR A 289 1.44 14.43 7.54
C THR A 289 2.78 13.70 7.61
N GLY A 290 3.51 13.71 6.50
CA GLY A 290 4.86 13.19 6.49
C GLY A 290 4.97 11.68 6.29
N TYR A 291 6.19 11.18 6.45
CA TYR A 291 6.53 9.82 6.07
C TYR A 291 7.36 9.11 7.13
N LEU A 292 7.45 7.79 6.99
CA LEU A 292 8.21 6.96 7.89
C LEU A 292 9.57 6.59 7.29
N HIS A 293 10.60 6.58 8.14
CA HIS A 293 11.79 5.82 7.80
C HIS A 293 11.42 4.37 8.02
N HIS A 294 11.35 3.60 6.94
CA HIS A 294 10.76 2.26 6.99
C HIS A 294 11.69 1.28 6.31
N PHE A 295 12.24 0.34 7.08
CA PHE A 295 13.21 -0.61 6.52
C PHE A 295 12.89 -2.05 6.92
N PRO A 296 11.74 -2.56 6.46
CA PRO A 296 11.33 -3.92 6.83
C PRO A 296 12.30 -4.99 6.31
N PHE A 297 13.12 -4.61 5.33
CA PHE A 297 14.05 -5.53 4.69
C PHE A 297 15.41 -5.60 5.39
N LEU A 298 15.54 -4.92 6.53
CA LEU A 298 16.77 -4.99 7.32
C LEU A 298 16.55 -5.59 8.69
N ASP A 299 17.50 -6.42 9.11
CA ASP A 299 17.50 -6.95 10.47
C ASP A 299 17.42 -5.83 11.49
N GLU A 300 16.78 -6.10 12.62
CA GLU A 300 16.69 -5.11 13.69
C GLU A 300 18.03 -4.52 14.06
N SER A 301 19.06 -5.32 14.07
CA SER A 301 20.38 -4.85 14.48
C SER A 301 21.01 -3.91 13.46
N LEU A 302 20.47 -3.91 12.24
CA LEU A 302 21.00 -3.07 11.16
C LEU A 302 20.11 -1.85 10.89
N LYS A 303 18.95 -1.79 11.49
CA LYS A 303 17.93 -0.85 11.10
C LYS A 303 17.95 0.53 11.77
N LEU A 304 18.08 1.57 10.96
CA LEU A 304 17.98 2.95 11.41
C LEU A 304 16.56 3.28 11.84
N LYS A 305 16.41 3.81 13.06
CA LYS A 305 15.10 4.18 13.57
C LYS A 305 15.09 5.64 13.94
N THR A 306 14.31 6.43 13.20
CA THR A 306 14.35 7.86 13.39
C THR A 306 13.12 8.52 12.79
N HIS A 307 12.81 9.71 13.30
N HIS A 307 12.79 9.71 13.29
CA HIS A 307 11.82 10.58 12.66
CA HIS A 307 11.81 10.56 12.65
C HIS A 307 12.57 11.47 11.68
C HIS A 307 12.57 11.45 11.67
N ASN A 308 11.86 12.29 10.92
CA ASN A 308 12.49 13.13 9.90
C ASN A 308 13.21 14.28 10.59
N ARG A 309 14.54 14.31 10.47
CA ARG A 309 15.34 15.33 11.16
C ARG A 309 16.66 15.53 10.43
N LEU A 310 17.34 16.64 10.72
CA LEU A 310 18.54 17.00 9.97
C LEU A 310 19.74 16.14 10.29
N TYR A 311 19.72 15.47 11.44
CA TYR A 311 20.88 14.65 11.82
C TYR A 311 20.53 13.52 12.77
N PRO A 312 20.00 12.42 12.24
CA PRO A 312 19.70 11.25 13.07
C PRO A 312 21.00 10.72 13.68
N PRO A 313 20.96 10.26 14.94
CA PRO A 313 22.18 9.66 15.50
C PRO A 313 22.48 8.27 14.95
N LYS A 314 23.57 7.68 15.41
CA LYS A 314 24.05 6.37 14.98
C LYS A 314 24.57 6.30 13.54
N LEU A 315 24.80 7.47 12.96
CA LEU A 315 25.33 7.56 11.59
C LEU A 315 26.58 8.43 11.58
N TYR A 316 27.75 7.81 11.52
CA TYR A 316 29.00 8.56 11.47
C TYR A 316 29.05 9.36 10.17
N LYS A 317 29.30 10.67 10.28
CA LYS A 317 29.23 11.59 9.15
C LYS A 317 27.86 11.50 8.45
N GLY A 318 26.86 11.05 9.18
CA GLY A 318 25.51 10.93 8.68
C GLY A 318 25.31 9.79 7.70
N VAL A 319 26.30 8.91 7.63
CA VAL A 319 26.33 7.86 6.61
C VAL A 319 26.60 6.46 7.15
N VAL A 320 27.68 6.32 7.93
CA VAL A 320 28.11 4.99 8.35
C VAL A 320 27.39 4.53 9.61
N TRP A 321 26.70 3.39 9.51
CA TRP A 321 26.01 2.81 10.66
C TRP A 321 27.01 2.57 11.80
N GLN A 322 26.75 3.18 12.96
CA GLN A 322 27.70 3.16 14.06
C GLN A 322 28.12 1.73 14.44
N ASP A 323 27.12 0.88 14.48
CA ASP A 323 27.36 -0.51 14.83
CA ASP A 323 27.50 -0.44 14.84
C ASP A 323 27.95 -1.63 13.82
N ASN A 324 27.96 -1.08 12.59
CA ASN A 324 28.48 -1.90 11.50
C ASN A 324 29.00 -1.00 10.41
N HIS A 325 30.31 -0.79 10.39
CA HIS A 325 30.92 0.18 9.48
C HIS A 325 30.94 -0.23 8.01
N LYS A 326 30.32 -1.35 7.67
CA LYS A 326 30.19 -1.73 6.27
C LYS A 326 28.75 -1.56 5.80
N LEU A 327 27.91 -0.98 6.67
CA LEU A 327 26.56 -0.57 6.32
C LEU A 327 26.53 0.95 6.19
N LEU A 328 26.15 1.44 5.01
CA LEU A 328 26.15 2.86 4.74
C LEU A 328 24.79 3.32 4.27
N TYR A 329 24.26 4.35 4.93
CA TYR A 329 22.97 4.94 4.56
C TYR A 329 23.18 6.27 3.84
N LEU A 330 22.45 6.49 2.76
CA LEU A 330 22.51 7.77 2.04
C LEU A 330 21.16 8.48 2.09
N GLY A 331 21.19 9.81 2.18
CA GLY A 331 20.00 10.63 2.04
C GLY A 331 18.96 10.52 3.15
N MET A 332 19.36 10.02 4.31
CA MET A 332 18.36 9.75 5.35
C MET A 332 18.02 10.96 6.21
N GLN A 333 18.79 12.04 6.05
CA GLN A 333 18.52 13.30 6.74
C GLN A 333 17.35 14.02 6.08
N ASP A 334 16.64 14.85 6.84
CA ASP A 334 15.72 15.83 6.30
C ASP A 334 16.51 16.76 5.37
N GLN A 335 15.85 17.45 4.46
CA GLN A 335 16.56 18.02 3.30
C GLN A 335 16.26 19.48 3.01
N PHE A 336 17.30 20.31 3.07
CA PHE A 336 17.33 21.56 2.35
C PHE A 336 18.13 21.21 1.09
N HIS A 337 19.42 20.94 1.30
CA HIS A 337 20.22 20.36 0.24
C HIS A 337 19.62 19.02 -0.16
N THR A 338 19.76 18.69 -1.44
CA THR A 338 19.49 17.34 -1.89
C THR A 338 20.57 16.72 -2.74
N PHE A 339 20.57 16.97 -4.05
CA PHE A 339 21.43 16.17 -4.95
C PHE A 339 22.89 16.26 -4.66
N ASN A 340 23.42 17.46 -4.46
CA ASN A 340 24.87 17.56 -4.23
C ASN A 340 25.28 17.19 -2.80
N MET A 341 24.31 17.16 -1.88
CA MET A 341 24.59 16.59 -0.57
C MET A 341 24.63 15.08 -0.67
N PHE A 342 23.67 14.49 -1.39
CA PHE A 342 23.71 13.07 -1.68
C PHE A 342 25.05 12.72 -2.32
N ASP A 343 25.51 13.55 -3.27
CA ASP A 343 26.79 13.31 -3.92
C ASP A 343 27.93 13.28 -2.90
N CYS A 344 27.98 14.29 -2.03
CA CYS A 344 29.05 14.37 -1.03
C CYS A 344 29.00 13.16 -0.10
N GLN A 345 27.79 12.73 0.26
CA GLN A 345 27.64 11.51 1.04
C GLN A 345 28.16 10.28 0.27
N ALA A 346 27.79 10.20 -1.00
CA ALA A 346 28.15 9.05 -1.82
C ALA A 346 29.64 8.95 -2.10
N TRP A 347 30.29 10.08 -2.39
CA TRP A 347 31.74 10.10 -2.57
C TRP A 347 32.41 9.63 -1.28
N PHE A 348 31.94 10.14 -0.15
CA PHE A 348 32.41 9.67 1.17
C PHE A 348 32.26 8.16 1.31
N ALA A 349 31.05 7.67 1.03
CA ALA A 349 30.78 6.24 1.16
C ALA A 349 31.66 5.41 0.24
N ARG A 350 31.82 5.89 -0.99
CA ARG A 350 32.69 5.22 -1.95
C ARG A 350 34.08 5.07 -1.35
N ASP A 351 34.63 6.17 -0.84
CA ASP A 351 35.99 6.13 -0.31
C ASP A 351 36.11 5.24 0.93
N VAL A 352 35.06 5.17 1.74
CA VAL A 352 35.05 4.24 2.86
C VAL A 352 35.14 2.80 2.33
N ILE A 353 34.29 2.47 1.36
CA ILE A 353 34.30 1.14 0.73
C ILE A 353 35.67 0.79 0.13
N MET A 354 36.30 1.77 -0.52
CA MET A 354 37.61 1.59 -1.14
C MET A 354 38.79 1.68 -0.15
N ASP A 355 38.49 1.83 1.14
CA ASP A 355 39.54 1.97 2.16
C ASP A 355 40.45 3.18 1.96
N LYS A 356 39.89 4.24 1.41
CA LYS A 356 40.62 5.48 1.24
C LYS A 356 40.43 6.37 2.46
N ILE A 357 39.26 6.27 3.06
CA ILE A 357 38.97 6.91 4.33
C ILE A 357 38.88 5.83 5.38
N LYS A 358 39.65 5.98 6.44
CA LYS A 358 39.66 5.00 7.52
C LYS A 358 38.72 5.45 8.62
N MET A 359 38.06 4.49 9.27
CA MET A 359 37.22 4.82 10.41
C MET A 359 38.11 5.15 11.60
N PRO A 360 37.76 6.21 12.33
CA PRO A 360 38.49 6.49 13.58
C PRO A 360 38.06 5.51 14.67
N SER A 361 38.60 5.68 15.86
CA SER A 361 38.26 4.80 16.97
C SER A 361 36.77 4.93 17.28
N ASP A 362 36.24 3.92 17.98
CA ASP A 362 34.84 3.94 18.41
C ASP A 362 34.51 5.19 19.23
N ASP A 363 35.40 5.56 20.14
CA ASP A 363 35.16 6.74 20.96
C ASP A 363 35.12 8.01 20.11
N GLU A 364 36.02 8.11 19.15
CA GLU A 364 36.08 9.24 18.24
C GLU A 364 34.82 9.38 17.43
N ILE A 365 34.40 8.25 16.88
CA ILE A 365 33.13 8.18 16.14
C ILE A 365 31.97 8.67 17.01
N ASP A 366 31.85 8.13 18.22
CA ASP A 366 30.75 8.49 19.09
C ASP A 366 30.79 9.98 19.41
N LYS A 367 31.98 10.50 19.69
CA LYS A 367 32.12 11.92 19.99
C LYS A 367 31.69 12.78 18.82
N ASP A 368 32.07 12.38 17.61
CA ASP A 368 31.74 13.17 16.44
C ASP A 368 30.24 13.18 16.18
N ILE A 369 29.60 12.03 16.35
CA ILE A 369 28.16 11.95 16.23
C ILE A 369 27.48 12.87 17.25
N ASN A 370 27.94 12.82 18.50
CA ASN A 370 27.36 13.68 19.54
C ASN A 370 27.51 15.16 19.24
N LYS A 371 28.66 15.53 18.69
CA LYS A 371 28.91 16.91 18.31
C LYS A 371 27.84 17.42 17.32
N TRP A 372 27.59 16.66 16.25
CA TRP A 372 26.59 17.06 15.26
C TRP A 372 25.15 16.96 15.78
N VAL A 373 24.84 15.87 16.49
CA VAL A 373 23.51 15.75 17.07
C VAL A 373 23.22 16.90 18.04
N SER A 374 24.20 17.29 18.85
CA SER A 374 23.99 18.37 19.80
CA SER A 374 23.99 18.37 19.80
C SER A 374 23.70 19.69 19.09
N MET A 375 24.46 19.96 18.03
CA MET A 375 24.21 21.16 17.21
C MET A 375 22.81 21.10 16.59
N GLU A 376 22.44 19.93 16.07
CA GLU A 376 21.15 19.75 15.41
C GLU A 376 19.95 20.02 16.34
N GLU A 377 20.02 19.54 17.57
CA GLU A 377 18.91 19.73 18.50
C GLU A 377 18.64 21.18 18.87
N LYS A 378 19.66 22.01 18.74
CA LYS A 378 19.56 23.42 19.13
C LYS A 378 19.14 24.37 18.00
N LEU A 379 18.91 23.83 16.80
CA LEU A 379 18.50 24.67 15.67
C LEU A 379 17.10 25.23 15.85
N GLU A 380 16.92 26.53 15.67
CA GLU A 380 15.67 27.17 15.98
C GLU A 380 14.88 27.74 14.84
N ASN A 381 15.53 27.91 13.70
CA ASN A 381 14.86 28.51 12.55
C ASN A 381 15.54 28.09 11.24
N PRO A 382 14.91 28.41 10.10
CA PRO A 382 15.45 27.85 8.86
C PRO A 382 16.85 28.39 8.53
N ASP A 383 17.15 29.64 8.90
CA ASP A 383 18.49 30.17 8.66
C ASP A 383 19.53 29.30 9.35
N GLN A 384 19.31 28.97 10.62
CA GLN A 384 20.22 28.10 11.36
C GLN A 384 20.30 26.70 10.76
N MET A 385 19.18 26.20 10.28
CA MET A 385 19.14 24.87 9.67
C MET A 385 19.91 24.85 8.36
N ILE A 386 19.71 25.88 7.55
CA ILE A 386 20.48 26.03 6.32
C ILE A 386 21.97 26.09 6.62
N ASP A 387 22.35 26.85 7.64
CA ASP A 387 23.77 26.94 8.00
C ASP A 387 24.29 25.59 8.44
N PHE A 388 23.48 24.87 9.22
CA PHE A 388 23.86 23.56 9.72
C PHE A 388 24.09 22.58 8.58
N GLN A 389 23.14 22.48 7.66
CA GLN A 389 23.30 21.50 6.59
C GLN A 389 24.40 21.91 5.61
N THR A 390 24.64 23.22 5.49
CA THR A 390 25.78 23.72 4.71
C THR A 390 27.09 23.22 5.32
N GLU A 391 27.26 23.41 6.63
CA GLU A 391 28.48 22.96 7.27
C GLU A 391 28.65 21.45 7.21
N TYR A 392 27.54 20.73 7.35
CA TYR A 392 27.57 19.26 7.28
C TYR A 392 28.09 18.82 5.91
N THR A 393 27.54 19.42 4.87
CA THR A 393 27.88 19.03 3.50
C THR A 393 29.29 19.48 3.14
N LYS A 394 29.67 20.67 3.58
CA LYS A 394 31.01 21.16 3.28
C LYS A 394 32.07 20.27 3.91
N GLU A 395 31.81 19.77 5.12
CA GLU A 395 32.77 18.87 5.76
C GLU A 395 32.92 17.58 4.97
N LEU A 396 31.80 17.02 4.53
CA LEU A 396 31.82 15.87 3.63
C LEU A 396 32.65 16.19 2.39
N HIS A 397 32.36 17.34 1.80
CA HIS A 397 33.00 17.73 0.55
C HIS A 397 34.53 17.69 0.69
N ASN A 398 35.01 18.20 1.81
CA ASN A 398 36.44 18.31 2.03
C ASN A 398 37.19 17.00 2.26
N ILE A 399 36.49 15.92 2.58
CA ILE A 399 37.21 14.66 2.82
C ILE A 399 37.32 13.70 1.62
N SER A 400 36.70 14.06 0.50
CA SER A 400 36.85 13.28 -0.73
C SER A 400 37.14 14.20 -1.93
N ASP A 401 36.96 13.71 -3.16
CA ASP A 401 37.34 14.48 -4.34
C ASP A 401 36.17 14.87 -5.25
N TYR A 402 34.98 15.00 -4.69
CA TYR A 402 33.86 15.54 -5.44
C TYR A 402 34.26 16.92 -5.93
N PRO A 403 33.96 17.24 -7.20
CA PRO A 403 34.48 18.48 -7.79
C PRO A 403 34.01 19.78 -7.16
N LYS A 404 34.62 20.86 -7.63
CA LYS A 404 34.39 22.19 -7.08
C LYS A 404 32.94 22.65 -7.24
N ILE A 405 32.37 23.17 -6.15
CA ILE A 405 31.03 23.73 -6.18
C ILE A 405 30.91 24.68 -5.00
N ASP A 406 30.22 25.79 -5.19
CA ASP A 406 30.23 26.88 -4.22
C ASP A 406 29.11 26.77 -3.21
N PHE A 407 29.40 26.09 -2.11
CA PHE A 407 28.38 25.89 -1.09
C PHE A 407 28.06 27.18 -0.34
N GLU A 408 28.99 28.15 -0.36
CA GLU A 408 28.67 29.44 0.24
C GLU A 408 27.61 30.19 -0.56
N LEU A 409 27.64 30.03 -1.88
CA LEU A 409 26.62 30.62 -2.73
C LEU A 409 25.29 29.92 -2.49
N ILE A 410 25.34 28.60 -2.39
CA ILE A 410 24.15 27.80 -2.09
C ILE A 410 23.55 28.21 -0.74
N ARG A 411 24.40 28.44 0.25
CA ARG A 411 23.92 28.90 1.56
C ARG A 411 23.09 30.17 1.37
N LYS A 412 23.62 31.15 0.64
CA LYS A 412 22.90 32.39 0.42
C LYS A 412 21.63 32.22 -0.37
N HIS A 413 21.69 31.39 -1.40
CA HIS A 413 20.51 31.13 -2.23
C HIS A 413 19.34 30.61 -1.40
N PHE A 414 19.62 29.66 -0.53
CA PHE A 414 18.57 29.06 0.31
C PHE A 414 17.93 30.12 1.21
N LYS A 415 18.74 31.00 1.78
CA LYS A 415 18.18 32.02 2.65
C LYS A 415 17.35 33.03 1.85
N GLU A 416 17.79 33.35 0.65
CA GLU A 416 17.05 34.24 -0.22
C GLU A 416 15.70 33.62 -0.60
N TRP A 417 15.74 32.37 -0.96
CA TRP A 417 14.55 31.61 -1.33
C TRP A 417 13.54 31.58 -0.17
N GLU A 418 14.01 31.34 1.05
CA GLU A 418 13.09 31.40 2.19
C GLU A 418 12.42 32.76 2.27
N HIS A 419 13.15 33.83 1.99
CA HIS A 419 12.57 35.15 1.98
C HIS A 419 11.54 35.33 0.91
N HIS A 420 11.84 34.85 -0.29
CA HIS A 420 10.88 34.93 -1.40
C HIS A 420 9.54 34.27 -1.02
N LYS A 421 9.62 33.12 -0.36
CA LYS A 421 8.41 32.37 -0.01
C LYS A 421 7.53 33.18 0.95
N VAL A 422 8.14 33.84 1.91
CA VAL A 422 7.40 34.67 2.84
C VAL A 422 6.83 35.89 2.14
N GLU A 423 7.63 36.48 1.27
CA GLU A 423 7.18 37.62 0.49
C GLU A 423 5.94 37.30 -0.30
N ASP A 424 6.00 36.24 -1.10
CA ASP A 424 4.87 35.85 -1.92
C ASP A 424 5.01 34.40 -2.34
N ILE A 425 4.22 33.53 -1.71
CA ILE A 425 4.32 32.09 -1.93
C ILE A 425 3.95 31.73 -3.37
N LEU A 426 3.19 32.61 -4.02
CA LEU A 426 2.80 32.37 -5.40
C LEU A 426 3.90 32.61 -6.43
N THR A 427 4.88 33.44 -6.11
CA THR A 427 5.84 33.87 -7.12
C THR A 427 7.29 33.48 -6.86
N TYR A 428 7.55 32.72 -5.80
CA TYR A 428 8.95 32.39 -5.52
C TYR A 428 9.57 31.57 -6.65
N ARG A 429 8.77 30.79 -7.36
CA ARG A 429 9.27 29.97 -8.46
C ARG A 429 9.58 30.80 -9.70
N ASN A 430 9.28 32.09 -9.66
CA ASN A 430 9.58 32.95 -10.80
C ASN A 430 10.94 33.62 -10.70
N LYS A 431 11.60 33.44 -9.57
CA LYS A 431 12.88 34.09 -9.30
C LYS A 431 14.05 33.43 -10.00
N SER A 432 15.17 34.15 -10.06
CA SER A 432 16.36 33.69 -10.76
C SER A 432 17.57 33.56 -9.83
N PHE A 433 18.30 32.45 -9.97
CA PHE A 433 19.51 32.21 -9.19
C PHE A 433 20.69 31.85 -10.10
N SER A 434 21.89 32.03 -9.57
CA SER A 434 23.12 31.74 -10.32
C SER A 434 23.71 30.38 -9.95
N SER A 435 24.29 29.70 -10.93
CA SER A 435 24.91 28.39 -10.72
C SER A 435 26.14 28.45 -9.82
N PRO A 436 26.17 27.61 -8.77
CA PRO A 436 27.35 27.50 -7.90
C PRO A 436 28.43 26.67 -8.55
N VAL A 437 28.18 26.19 -9.77
CA VAL A 437 29.17 25.41 -10.51
C VAL A 437 29.79 26.23 -11.64
N THR A 438 28.96 26.91 -12.42
CA THR A 438 29.43 27.64 -13.60
C THR A 438 29.24 29.15 -13.52
N GLY A 439 28.46 29.60 -12.54
CA GLY A 439 28.16 31.02 -12.39
C GLY A 439 27.04 31.51 -13.30
N SER A 440 26.55 30.65 -14.17
CA SER A 440 25.50 31.06 -15.12
C SER A 440 24.24 31.54 -14.40
N VAL A 441 23.70 32.66 -14.88
CA VAL A 441 22.49 33.23 -14.31
C VAL A 441 21.24 32.68 -15.01
N ALA A 442 20.29 32.19 -14.24
CA ALA A 442 19.08 31.62 -14.84
C ALA A 442 18.18 32.72 -15.39
N PRO A 443 17.69 32.54 -16.62
CA PRO A 443 16.72 33.49 -17.18
C PRO A 443 15.36 33.35 -16.48
N VAL A 444 14.52 34.37 -16.54
CA VAL A 444 13.16 34.26 -16.04
C VAL A 444 12.32 33.47 -17.05
N HIS A 445 11.51 32.53 -16.55
CA HIS A 445 10.73 31.67 -17.45
C HIS A 445 9.69 32.44 -18.27
N HIS A 446 9.32 31.90 -19.42
CA HIS A 446 8.36 32.57 -20.29
C HIS A 446 6.93 32.56 -19.73
N THR A 447 6.68 31.74 -18.72
CA THR A 447 5.36 31.69 -18.08
C THR A 447 5.50 31.72 -16.56
N PRO A 448 4.80 32.65 -15.90
CA PRO A 448 4.81 32.71 -14.44
C PRO A 448 4.23 31.41 -13.89
N TRP A 449 4.80 30.87 -12.82
CA TRP A 449 4.39 29.56 -12.33
C TRP A 449 2.90 29.53 -11.97
N GLU A 450 2.41 30.62 -11.39
CA GLU A 450 1.01 30.66 -10.97
C GLU A 450 0.03 30.51 -12.13
N LYS A 451 0.51 30.74 -13.36
CA LYS A 451 -0.32 30.59 -14.56
C LYS A 451 0.10 29.41 -15.42
N ALA A 452 1.16 28.70 -15.03
CA ALA A 452 1.71 27.65 -15.88
C ALA A 452 1.00 26.32 -15.70
N MET A 453 -0.02 26.07 -16.52
CA MET A 453 -0.88 24.90 -16.34
C MET A 453 -0.32 23.61 -16.94
N ASP A 454 0.56 23.75 -17.91
CA ASP A 454 1.20 22.67 -18.62
C ASP A 454 2.57 22.38 -18.05
N ASP A 455 2.79 21.18 -17.53
CA ASP A 455 4.06 20.89 -16.84
C ASP A 455 5.06 20.10 -17.68
N SER A 456 4.80 20.01 -18.98
CA SER A 456 5.66 19.21 -19.86
C SER A 456 7.03 19.86 -20.11
N MET A 457 8.06 19.03 -20.17
CA MET A 457 9.41 19.52 -20.49
C MET A 457 9.43 20.20 -21.85
N LYS A 458 8.71 19.61 -22.81
CA LYS A 458 8.58 20.18 -24.15
C LYS A 458 8.16 21.64 -24.06
N THR A 459 7.05 21.89 -23.36
CA THR A 459 6.50 23.25 -23.25
C THR A 459 7.45 24.18 -22.52
N PHE A 460 8.12 23.67 -21.49
CA PHE A 460 9.02 24.48 -20.67
C PHE A 460 10.23 24.93 -21.44
N LEU A 461 10.85 24.00 -22.17
CA LEU A 461 12.11 24.28 -22.87
C LEU A 461 11.93 25.04 -24.17
N ASN A 462 10.72 25.00 -24.72
CA ASN A 462 10.44 25.67 -25.98
C ASN A 462 9.91 27.10 -25.86
N LYS A 463 10.02 27.86 -26.95
CA LYS A 463 9.45 29.20 -27.01
C LYS A 463 7.96 29.16 -26.69
N ARG A 464 7.45 30.23 -26.08
CA ARG A 464 6.05 30.28 -25.68
C ARG A 464 5.12 30.30 -26.91
N MET B 21 -0.80 -31.00 23.69
CA MET B 21 0.45 -30.49 24.24
C MET B 21 1.14 -29.55 23.23
N SER B 22 0.70 -29.63 21.99
CA SER B 22 1.30 -28.85 20.92
C SER B 22 1.00 -27.37 21.03
N LYS B 23 1.66 -26.58 20.19
CA LYS B 23 1.44 -25.16 20.12
C LYS B 23 1.05 -24.82 18.68
N VAL B 24 0.01 -24.02 18.52
CA VAL B 24 -0.58 -23.74 17.22
C VAL B 24 -0.61 -22.24 16.96
N ALA B 25 -0.12 -21.83 15.80
CA ALA B 25 -0.26 -20.44 15.39
C ALA B 25 -1.36 -20.30 14.36
N ILE B 26 -2.16 -19.25 14.48
CA ILE B 26 -3.16 -18.90 13.48
C ILE B 26 -2.84 -17.50 12.95
N ILE B 27 -2.77 -17.34 11.64
CA ILE B 27 -2.53 -15.99 11.10
C ILE B 27 -3.81 -15.43 10.51
N GLY B 28 -4.37 -14.43 11.20
CA GLY B 28 -5.58 -13.76 10.75
C GLY B 28 -6.77 -14.10 11.63
N ALA B 29 -7.52 -13.07 12.04
CA ALA B 29 -8.71 -13.26 12.88
C ALA B 29 -9.95 -12.73 12.16
N GLY B 30 -10.06 -13.04 10.87
CA GLY B 30 -11.30 -12.82 10.15
C GLY B 30 -12.15 -14.07 10.27
N PRO B 31 -13.20 -14.19 9.46
CA PRO B 31 -14.09 -15.35 9.51
C PRO B 31 -13.34 -16.68 9.62
N CYS B 32 -12.30 -16.90 8.83
CA CYS B 32 -11.60 -18.18 8.87
C CYS B 32 -10.86 -18.45 10.19
N GLY B 33 -10.07 -17.48 10.64
CA GLY B 33 -9.34 -17.65 11.88
C GLY B 33 -10.30 -17.86 13.03
N LEU B 34 -11.39 -17.12 13.01
CA LEU B 34 -12.40 -17.23 14.05
C LEU B 34 -13.09 -18.59 13.99
N SER B 35 -13.30 -19.10 12.77
CA SER B 35 -13.89 -20.43 12.60
C SER B 35 -13.06 -21.47 13.34
N ILE B 36 -11.75 -21.41 13.20
CA ILE B 36 -10.95 -22.44 13.83
C ILE B 36 -10.80 -22.22 15.34
N LEU B 37 -10.72 -20.97 15.75
CA LEU B 37 -10.74 -20.67 17.17
C LEU B 37 -12.03 -21.22 17.79
N ARG B 38 -13.15 -20.99 17.11
CA ARG B 38 -14.44 -21.50 17.54
C ARG B 38 -14.49 -23.03 17.55
N ALA B 39 -13.90 -23.67 16.54
CA ALA B 39 -13.86 -25.13 16.50
C ALA B 39 -13.12 -25.68 17.74
N PHE B 40 -12.00 -25.06 18.09
CA PHE B 40 -11.27 -25.50 19.28
C PHE B 40 -12.05 -25.21 20.56
N GLU B 41 -12.79 -24.11 20.56
CA GLU B 41 -13.57 -23.75 21.73
C GLU B 41 -14.63 -24.81 22.04
N HIS B 42 -15.22 -25.37 21.00
CA HIS B 42 -16.20 -26.45 21.20
C HIS B 42 -15.60 -27.59 22.02
N LEU B 43 -14.37 -27.96 21.71
CA LEU B 43 -13.72 -29.05 22.42
C LEU B 43 -13.41 -28.64 23.84
N GLU B 44 -12.84 -27.44 24.00
CA GLU B 44 -12.48 -26.98 25.32
C GLU B 44 -13.70 -26.92 26.25
N LYS B 45 -14.82 -26.45 25.74
CA LYS B 45 -16.03 -26.39 26.54
C LYS B 45 -16.50 -27.75 27.02
N LYS B 46 -16.27 -28.79 26.23
CA LYS B 46 -16.67 -30.14 26.60
C LYS B 46 -15.76 -30.77 27.64
N GLY B 47 -14.64 -30.12 27.93
CA GLY B 47 -13.69 -30.64 28.90
C GLY B 47 -12.45 -31.29 28.30
N GLU B 48 -12.32 -31.21 26.99
CA GLU B 48 -11.17 -31.74 26.32
C GLU B 48 -10.00 -30.78 26.45
N LYS B 49 -8.82 -31.28 26.68
CA LYS B 49 -7.63 -30.44 26.64
C LYS B 49 -7.30 -30.06 25.20
N ILE B 50 -6.95 -28.81 24.97
CA ILE B 50 -6.64 -28.36 23.61
C ILE B 50 -5.25 -27.71 23.60
N PRO B 51 -4.63 -27.60 22.42
CA PRO B 51 -3.29 -26.99 22.37
C PRO B 51 -3.30 -25.51 22.73
N GLU B 52 -2.13 -24.99 23.06
CA GLU B 52 -1.98 -23.57 23.25
C GLU B 52 -2.10 -22.94 21.86
N ILE B 53 -2.93 -21.92 21.73
CA ILE B 53 -3.18 -21.31 20.43
C ILE B 53 -2.88 -19.82 20.48
N VAL B 54 -2.08 -19.37 19.53
CA VAL B 54 -1.78 -17.95 19.41
C VAL B 54 -2.26 -17.50 18.04
N CYS B 55 -3.10 -16.48 18.01
CA CYS B 55 -3.64 -15.97 16.74
C CYS B 55 -3.09 -14.57 16.53
N PHE B 56 -2.51 -14.33 15.36
CA PHE B 56 -1.91 -13.03 15.05
C PHE B 56 -2.84 -12.25 14.12
N GLU B 57 -3.09 -10.99 14.43
CA GLU B 57 -3.98 -10.17 13.61
C GLU B 57 -3.41 -8.77 13.43
N LYS B 58 -3.24 -8.34 12.18
CA LYS B 58 -2.64 -7.03 11.94
C LYS B 58 -3.58 -5.86 12.13
N GLN B 59 -4.88 -6.10 12.07
CA GLN B 59 -5.85 -5.06 12.38
C GLN B 59 -5.90 -4.82 13.89
N GLU B 60 -6.59 -3.76 14.30
CA GLU B 60 -6.80 -3.45 15.72
C GLU B 60 -7.77 -4.36 16.40
N SER B 61 -8.61 -4.98 15.59
CA SER B 61 -9.73 -5.75 16.08
C SER B 61 -9.99 -6.93 15.16
N TRP B 62 -10.74 -7.89 15.67
CA TRP B 62 -11.09 -9.08 14.90
C TRP B 62 -12.23 -8.77 13.93
N GLY B 63 -12.45 -9.66 12.96
CA GLY B 63 -13.52 -9.46 12.01
C GLY B 63 -13.09 -9.51 10.53
N GLY B 64 -11.80 -9.39 10.28
CA GLY B 64 -11.30 -9.47 8.90
C GLY B 64 -11.89 -8.44 7.95
N LEU B 65 -12.23 -8.88 6.73
CA LEU B 65 -12.85 -8.03 5.72
C LEU B 65 -14.18 -7.42 6.16
N TRP B 66 -14.79 -7.98 7.21
CA TRP B 66 -16.09 -7.51 7.64
C TRP B 66 -16.00 -6.25 8.52
N ASN B 67 -14.78 -5.80 8.78
CA ASN B 67 -14.55 -4.52 9.44
C ASN B 67 -14.46 -3.41 8.41
N TYR B 68 -15.24 -2.34 8.60
CA TYR B 68 -15.04 -1.16 7.77
C TYR B 68 -13.86 -0.34 8.30
N ASN B 69 -13.01 0.10 7.38
CA ASN B 69 -11.84 0.90 7.70
C ASN B 69 -11.74 2.02 6.68
N TRP B 70 -11.71 3.27 7.15
CA TRP B 70 -11.60 4.40 6.23
C TRP B 70 -10.24 4.43 5.54
N ARG B 71 -9.26 3.76 6.15
CA ARG B 71 -7.90 3.75 5.65
C ARG B 71 -7.82 3.04 4.31
N THR B 72 -6.89 3.50 3.47
CA THR B 72 -6.60 2.87 2.20
C THR B 72 -5.08 2.78 2.06
N GLY B 73 -4.60 1.84 1.24
CA GLY B 73 -3.18 1.77 0.97
C GLY B 73 -2.39 1.09 2.08
N SER B 74 -1.85 1.89 3.00
CA SER B 74 -1.11 1.36 4.13
C SER B 74 -1.45 2.20 5.35
N ASP B 75 -1.18 1.65 6.54
CA ASP B 75 -1.66 2.26 7.78
C ASP B 75 -0.58 3.14 8.40
N GLN B 76 -0.79 3.57 9.64
CA GLN B 76 0.16 4.51 10.24
C GLN B 76 1.50 3.88 10.54
N TYR B 77 1.56 2.56 10.45
CA TYR B 77 2.78 1.81 10.71
C TYR B 77 3.49 1.37 9.43
N GLY B 78 2.94 1.74 8.28
CA GLY B 78 3.52 1.30 7.03
C GLY B 78 3.03 -0.05 6.58
N ASP B 79 2.06 -0.62 7.29
CA ASP B 79 1.49 -1.93 6.98
C ASP B 79 0.34 -1.82 5.97
N PRO B 80 0.40 -2.58 4.86
CA PRO B 80 -0.72 -2.50 3.90
C PRO B 80 -2.06 -2.71 4.58
N VAL B 81 -3.06 -1.94 4.18
CA VAL B 81 -4.41 -2.05 4.73
C VAL B 81 -5.14 -3.26 4.14
N PRO B 82 -5.58 -4.22 4.98
CA PRO B 82 -6.20 -5.42 4.39
C PRO B 82 -7.69 -5.25 4.08
N ASN B 83 -8.28 -4.17 4.57
CA ASN B 83 -9.71 -3.93 4.40
C ASN B 83 -10.11 -3.53 2.98
N SER B 84 -11.20 -4.12 2.48
CA SER B 84 -11.67 -3.83 1.12
C SER B 84 -13.15 -3.43 1.07
N MET B 85 -13.87 -3.54 2.18
CA MET B 85 -15.26 -3.20 2.14
C MET B 85 -15.54 -1.70 2.19
N TYR B 86 -16.66 -1.31 1.63
CA TYR B 86 -17.07 0.09 1.60
C TYR B 86 -18.28 0.42 2.45
N ARG B 87 -18.49 1.70 2.64
CA ARG B 87 -19.67 2.20 3.29
C ARG B 87 -20.92 1.82 2.50
N TYR B 88 -22.02 1.64 3.20
CA TYR B 88 -23.29 1.27 2.60
C TYR B 88 -23.23 0.01 1.71
N LEU B 89 -22.33 -0.88 2.07
CA LEU B 89 -22.26 -2.21 1.50
C LEU B 89 -23.33 -3.15 2.08
N TRP B 90 -23.98 -3.88 1.21
CA TRP B 90 -24.93 -4.92 1.63
C TRP B 90 -24.43 -6.28 1.18
N SER B 91 -24.69 -7.30 1.96
CA SER B 91 -24.24 -8.62 1.57
C SER B 91 -24.80 -8.95 0.21
N ASN B 92 -24.04 -9.73 -0.53
CA ASN B 92 -24.36 -9.94 -1.95
C ASN B 92 -24.88 -11.34 -2.26
N GLY B 93 -24.89 -12.22 -1.27
CA GLY B 93 -25.50 -13.53 -1.40
C GLY B 93 -26.54 -13.70 -0.31
N PRO B 94 -27.36 -14.75 -0.39
CA PRO B 94 -28.36 -14.93 0.66
C PRO B 94 -27.66 -15.26 1.98
N LYS B 95 -28.04 -14.61 3.07
CA LYS B 95 -27.38 -14.91 4.33
C LYS B 95 -27.64 -16.36 4.71
N GLU B 96 -28.78 -16.89 4.26
CA GLU B 96 -29.12 -18.26 4.57
C GLU B 96 -28.09 -19.26 4.01
N CYS B 97 -27.34 -18.85 2.99
CA CYS B 97 -26.31 -19.72 2.47
C CYS B 97 -25.03 -19.72 3.31
N LEU B 98 -24.89 -18.75 4.22
CA LEU B 98 -23.66 -18.63 5.01
C LEU B 98 -23.88 -18.82 6.52
N GLU B 99 -25.05 -19.32 6.90
CA GLU B 99 -25.37 -19.45 8.32
C GLU B 99 -24.44 -20.45 8.99
N PHE B 100 -24.07 -20.19 10.24
CA PHE B 100 -23.25 -21.10 11.04
C PHE B 100 -24.15 -22.21 11.54
N ALA B 101 -23.71 -23.46 11.39
CA ALA B 101 -24.50 -24.61 11.86
C ALA B 101 -24.60 -24.61 13.37
N ASP B 102 -23.59 -24.05 14.04
CA ASP B 102 -23.51 -24.09 15.51
C ASP B 102 -23.96 -22.79 16.17
N TYR B 103 -24.55 -21.89 15.40
CA TYR B 103 -24.90 -20.57 15.92
C TYR B 103 -25.84 -19.91 14.93
N SER B 104 -27.13 -20.24 15.04
CA SER B 104 -28.11 -19.87 14.03
C SER B 104 -28.43 -18.40 14.06
N PHE B 105 -28.93 -17.89 12.94
CA PHE B 105 -29.46 -16.54 12.90
C PHE B 105 -30.54 -16.33 13.98
N ASP B 106 -31.46 -17.29 14.10
CA ASP B 106 -32.49 -17.19 15.13
C ASP B 106 -31.88 -17.05 16.52
N GLN B 107 -30.82 -17.80 16.80
CA GLN B 107 -30.19 -17.74 18.10
C GLN B 107 -29.56 -16.39 18.36
N HIS B 108 -28.88 -15.83 17.36
CA HIS B 108 -28.16 -14.59 17.57
C HIS B 108 -29.10 -13.39 17.63
N PHE B 109 -30.05 -13.33 16.71
CA PHE B 109 -30.90 -12.15 16.56
C PHE B 109 -32.23 -12.25 17.30
N GLY B 110 -32.68 -13.47 17.58
CA GLY B 110 -33.91 -13.67 18.34
C GLY B 110 -35.19 -13.49 17.56
N LYS B 111 -35.06 -13.35 16.25
CA LYS B 111 -36.21 -13.17 15.35
C LYS B 111 -35.73 -13.36 13.93
N SER B 112 -36.66 -13.55 13.00
CA SER B 112 -36.31 -13.64 11.58
C SER B 112 -36.04 -12.25 11.03
N ILE B 113 -35.02 -12.13 10.18
CA ILE B 113 -34.66 -10.87 9.54
C ILE B 113 -34.40 -11.11 8.05
N PRO B 114 -34.39 -10.05 7.23
CA PRO B 114 -34.25 -10.26 5.78
C PRO B 114 -32.96 -10.97 5.37
N SER B 115 -32.90 -11.40 4.12
CA SER B 115 -31.84 -12.31 3.66
C SER B 115 -30.54 -11.63 3.22
N PHE B 116 -30.57 -10.32 3.00
CA PHE B 116 -29.38 -9.63 2.48
C PHE B 116 -29.03 -8.43 3.36
N PRO B 117 -28.42 -8.70 4.51
CA PRO B 117 -28.23 -7.60 5.47
C PRO B 117 -27.04 -6.70 5.14
N PRO B 118 -27.04 -5.49 5.69
CA PRO B 118 -25.86 -4.64 5.52
C PRO B 118 -24.66 -5.21 6.29
N ARG B 119 -23.46 -4.77 5.93
CA ARG B 119 -22.23 -5.33 6.48
C ARG B 119 -22.23 -5.46 8.00
N GLU B 120 -22.64 -4.41 8.69
CA GLU B 120 -22.53 -4.36 10.14
C GLU B 120 -23.35 -5.45 10.81
N VAL B 121 -24.47 -5.80 10.18
CA VAL B 121 -25.33 -6.85 10.69
C VAL B 121 -24.63 -8.20 10.64
N LEU B 122 -24.00 -8.53 9.52
CA LEU B 122 -23.25 -9.79 9.47
C LEU B 122 -21.98 -9.74 10.31
N GLN B 123 -21.36 -8.57 10.42
CA GLN B 123 -20.21 -8.40 11.31
C GLN B 123 -20.63 -8.75 12.73
N ASP B 124 -21.79 -8.25 13.13
CA ASP B 124 -22.28 -8.46 14.50
C ASP B 124 -22.50 -9.95 14.77
N TYR B 125 -22.96 -10.66 13.74
CA TYR B 125 -23.26 -12.09 13.81
C TYR B 125 -21.98 -12.88 13.97
N ILE B 126 -21.02 -12.60 13.08
CA ILE B 126 -19.72 -13.24 13.12
C ILE B 126 -19.04 -13.10 14.49
N LEU B 127 -18.98 -11.87 14.98
CA LEU B 127 -18.29 -11.59 16.23
C LEU B 127 -19.10 -12.11 17.41
N GLY B 128 -20.42 -12.08 17.29
CA GLY B 128 -21.29 -12.62 18.33
C GLY B 128 -21.00 -14.07 18.67
N ARG B 129 -20.71 -14.87 17.64
CA ARG B 129 -20.48 -16.29 17.86
C ARG B 129 -19.28 -16.53 18.77
N VAL B 130 -18.26 -15.69 18.68
CA VAL B 130 -17.01 -15.94 19.35
C VAL B 130 -16.74 -15.07 20.57
N SER B 131 -17.67 -14.20 20.90
CA SER B 131 -17.41 -13.20 21.91
C SER B 131 -17.90 -13.54 23.33
N LYS B 132 -18.38 -14.75 23.51
CA LYS B 132 -18.87 -15.14 24.82
C LYS B 132 -17.80 -15.71 25.74
N GLY B 133 -16.79 -16.30 25.17
CA GLY B 133 -15.76 -16.98 25.94
C GLY B 133 -14.37 -16.38 25.86
N ASN B 134 -13.36 -17.24 25.85
CA ASN B 134 -11.98 -16.81 26.02
C ASN B 134 -11.22 -16.65 24.69
N ILE B 135 -11.93 -16.66 23.58
CA ILE B 135 -11.25 -16.62 22.29
C ILE B 135 -10.49 -15.32 22.07
N LYS B 136 -11.12 -14.19 22.37
CA LYS B 136 -10.46 -12.91 22.10
C LYS B 136 -9.10 -12.77 22.78
N ASN B 137 -8.99 -13.33 23.99
CA ASN B 137 -7.72 -13.25 24.73
C ASN B 137 -6.58 -14.01 24.08
N LYS B 138 -6.91 -14.85 23.09
CA LYS B 138 -5.89 -15.62 22.39
C LYS B 138 -5.30 -14.85 21.22
N ILE B 139 -5.88 -13.69 20.90
CA ILE B 139 -5.45 -12.96 19.70
C ILE B 139 -4.55 -11.81 20.06
N LYS B 140 -3.45 -11.68 19.32
CA LYS B 140 -2.58 -10.52 19.38
C LYS B 140 -2.92 -9.58 18.24
N PHE B 141 -3.44 -8.41 18.57
CA PHE B 141 -3.83 -7.43 17.60
C PHE B 141 -2.68 -6.46 17.26
N ASN B 142 -2.86 -5.74 16.16
CA ASN B 142 -1.81 -4.91 15.59
C ASN B 142 -0.49 -5.62 15.56
N THR B 143 -0.56 -6.87 15.16
CA THR B 143 0.58 -7.72 15.09
C THR B 143 0.62 -8.37 13.73
N ARG B 144 1.69 -8.16 13.01
CA ARG B 144 1.80 -8.63 11.63
C ARG B 144 2.85 -9.70 11.48
N VAL B 145 2.44 -10.92 11.11
CA VAL B 145 3.44 -11.97 10.87
C VAL B 145 4.27 -11.59 9.64
N ILE B 146 5.59 -11.70 9.75
CA ILE B 146 6.48 -11.24 8.66
C ILE B 146 7.39 -12.32 8.07
N ASN B 147 7.73 -13.27 8.87
CA ASN B 147 8.58 -14.39 8.41
CA ASN B 147 8.62 -14.40 8.39
C ASN B 147 8.32 -15.88 9.07
N THR B 148 8.29 -16.79 8.11
CA THR B 148 8.01 -18.16 8.58
C THR B 148 8.94 -19.14 7.89
N VAL B 149 9.66 -19.93 8.68
CA VAL B 149 10.41 -21.05 8.13
C VAL B 149 10.14 -22.28 8.97
N TYR B 150 10.26 -23.44 8.33
CA TYR B 150 10.04 -24.71 9.01
C TYR B 150 11.38 -25.36 9.27
N ARG B 151 11.76 -25.45 10.53
CA ARG B 151 13.03 -26.03 10.90
C ARG B 151 12.93 -26.89 12.13
N ASN B 152 13.64 -28.00 12.09
CA ASN B 152 13.66 -28.93 13.22
C ASN B 152 12.26 -29.26 13.71
N ASP B 153 11.37 -29.58 12.77
CA ASP B 153 10.00 -29.98 13.06
C ASP B 153 9.18 -28.87 13.71
N LYS B 154 9.56 -27.62 13.47
CA LYS B 154 8.78 -26.51 14.00
C LYS B 154 8.71 -25.31 13.07
N PHE B 155 7.60 -24.57 13.15
CA PHE B 155 7.48 -23.30 12.43
C PHE B 155 8.08 -22.20 13.28
N GLU B 156 9.16 -21.61 12.77
CA GLU B 156 9.76 -20.44 13.41
C GLU B 156 9.15 -19.20 12.79
N ILE B 157 8.49 -18.41 13.60
CA ILE B 157 7.72 -17.27 13.10
C ILE B 157 8.21 -15.97 13.71
N ASN B 158 8.54 -15.02 12.84
CA ASN B 158 8.80 -13.65 13.26
C ASN B 158 7.56 -12.82 13.03
N TYR B 159 7.23 -11.98 13.98
CA TYR B 159 6.09 -11.12 13.84
C TYR B 159 6.40 -9.72 14.33
N GLN B 160 5.76 -8.73 13.74
CA GLN B 160 5.98 -7.37 14.16
C GLN B 160 4.92 -6.90 15.11
N ASP B 161 5.36 -6.49 16.28
CA ASP B 161 4.53 -5.75 17.20
C ASP B 161 4.52 -4.33 16.67
N LYS B 162 3.48 -3.99 15.93
CA LYS B 162 3.43 -2.74 15.23
C LYS B 162 3.49 -1.51 16.13
N VAL B 163 2.73 -1.58 17.22
CA VAL B 163 2.65 -0.43 18.12
C VAL B 163 4.02 -0.08 18.71
N ASN B 164 4.84 -1.08 19.01
CA ASN B 164 6.19 -0.85 19.53
C ASN B 164 7.28 -0.84 18.46
N ASP B 165 6.90 -1.15 17.23
CA ASP B 165 7.86 -1.32 16.13
C ASP B 165 9.01 -2.26 16.52
N LYS B 166 8.65 -3.47 16.86
CA LYS B 166 9.60 -4.42 17.33
C LYS B 166 9.34 -5.78 16.75
N THR B 167 10.39 -6.49 16.35
CA THR B 167 10.22 -7.85 15.85
C THR B 167 10.32 -8.85 16.99
N LEU B 168 9.31 -9.71 17.08
CA LEU B 168 9.27 -10.78 18.07
C LEU B 168 9.26 -12.12 17.37
N SER B 169 9.61 -13.18 18.08
CA SER B 169 9.68 -14.50 17.47
C SER B 169 9.13 -15.57 18.40
N ASP B 170 8.57 -16.63 17.81
CA ASP B 170 8.10 -17.77 18.59
C ASP B 170 8.11 -19.00 17.70
N THR B 171 7.92 -20.16 18.30
CA THR B 171 7.92 -21.38 17.54
C THR B 171 6.67 -22.20 17.80
N PHE B 172 6.22 -22.89 16.79
CA PHE B 172 4.93 -23.57 16.82
C PHE B 172 5.01 -24.93 16.13
N ASP B 173 4.16 -25.86 16.56
CA ASP B 173 4.11 -27.19 15.97
C ASP B 173 3.26 -27.20 14.71
N TYR B 174 2.21 -26.39 14.72
CA TYR B 174 1.28 -26.28 13.60
C TYR B 174 1.06 -24.83 13.24
N LEU B 175 0.84 -24.59 11.96
CA LEU B 175 0.57 -23.25 11.46
C LEU B 175 -0.67 -23.25 10.58
N VAL B 176 -1.60 -22.36 10.91
CA VAL B 176 -2.83 -22.21 10.15
C VAL B 176 -2.81 -20.83 9.50
N VAL B 177 -2.89 -20.81 8.17
CA VAL B 177 -2.87 -19.55 7.43
C VAL B 177 -4.28 -19.19 7.03
N SER B 178 -4.82 -18.13 7.64
CA SER B 178 -6.18 -17.69 7.34
C SER B 178 -6.19 -16.18 7.08
N THR B 179 -5.37 -15.77 6.11
CA THR B 179 -5.21 -14.35 5.79
C THR B 179 -6.04 -13.89 4.59
N GLY B 180 -6.92 -14.75 4.12
CA GLY B 180 -7.79 -14.41 3.00
C GLY B 180 -7.04 -14.23 1.68
N HIS B 181 -7.76 -13.76 0.67
CA HIS B 181 -7.14 -13.49 -0.63
C HIS B 181 -7.88 -12.41 -1.42
N PHE B 182 -8.53 -11.51 -0.70
CA PHE B 182 -9.22 -10.38 -1.29
C PHE B 182 -8.77 -9.08 -0.63
N SER B 183 -7.47 -8.99 -0.32
CA SER B 183 -6.90 -7.78 0.31
C SER B 183 -5.81 -7.10 -0.47
N VAL B 184 -4.92 -7.88 -1.08
CA VAL B 184 -3.84 -7.33 -1.89
C VAL B 184 -4.30 -7.29 -3.33
N PRO B 185 -4.51 -6.08 -3.88
CA PRO B 185 -5.17 -5.98 -5.19
C PRO B 185 -4.26 -6.30 -6.35
N PHE B 186 -4.83 -6.88 -7.40
CA PHE B 186 -4.15 -6.97 -8.68
C PHE B 186 -4.60 -5.76 -9.51
N ILE B 187 -3.63 -4.96 -9.97
CA ILE B 187 -3.93 -3.68 -10.59
C ILE B 187 -3.21 -3.57 -11.93
N PRO B 188 -3.94 -3.85 -13.02
CA PRO B 188 -3.33 -3.82 -14.37
C PRO B 188 -3.26 -2.41 -14.93
N GLU B 189 -2.26 -2.14 -15.77
CA GLU B 189 -2.08 -0.83 -16.38
C GLU B 189 -2.71 -0.81 -17.76
N TYR B 190 -3.41 0.28 -18.07
CA TYR B 190 -3.91 0.54 -19.42
C TYR B 190 -3.28 1.80 -20.01
N GLU B 191 -3.19 1.87 -21.33
CA GLU B 191 -2.63 3.02 -22.02
C GLU B 191 -3.33 4.30 -21.60
N GLY B 192 -2.58 5.37 -21.37
CA GLY B 192 -3.17 6.65 -21.07
C GLY B 192 -3.37 6.97 -19.60
N MET B 193 -3.17 5.97 -18.73
CA MET B 193 -3.31 6.22 -17.30
C MET B 193 -2.32 7.28 -16.77
N SER B 194 -1.14 7.34 -17.37
CA SER B 194 -0.12 8.30 -16.92
C SER B 194 -0.54 9.77 -17.07
N SER B 195 -1.55 10.04 -17.88
CA SER B 195 -1.98 11.42 -18.11
C SER B 195 -3.46 11.65 -17.88
N PHE B 196 -4.13 10.66 -17.32
CA PHE B 196 -5.56 10.77 -17.06
C PHE B 196 -5.85 11.79 -15.97
N PRO B 197 -6.68 12.86 -16.35
CA PRO B 197 -6.91 13.85 -15.29
C PRO B 197 -8.09 13.51 -14.35
N GLY B 198 -7.98 12.42 -13.64
CA GLY B 198 -8.99 12.05 -12.68
C GLY B 198 -8.40 10.99 -11.79
N ARG B 199 -9.24 10.41 -10.96
CA ARG B 199 -8.75 9.38 -10.06
C ARG B 199 -8.69 8.04 -10.75
N ILE B 200 -7.61 7.31 -10.54
CA ILE B 200 -7.55 5.90 -10.90
C ILE B 200 -7.37 5.13 -9.60
N MET B 201 -8.19 4.12 -9.39
CA MET B 201 -8.19 3.37 -8.14
C MET B 201 -8.56 1.92 -8.39
N HIS B 202 -8.32 1.07 -7.40
CA HIS B 202 -8.80 -0.31 -7.47
C HIS B 202 -10.02 -0.40 -6.56
N SER B 203 -10.86 -1.41 -6.77
CA SER B 203 -12.02 -1.61 -5.90
C SER B 203 -11.61 -1.73 -4.43
N HIS B 204 -10.40 -2.21 -4.19
CA HIS B 204 -9.83 -2.32 -2.84
C HIS B 204 -9.80 -0.98 -2.11
N ASP B 205 -9.77 0.10 -2.89
CA ASP B 205 -9.67 1.47 -2.40
C ASP B 205 -11.04 2.13 -2.17
N PHE B 206 -12.11 1.47 -2.62
CA PHE B 206 -13.45 2.06 -2.63
C PHE B 206 -14.01 2.16 -1.21
N ARG B 207 -14.45 3.35 -0.81
CA ARG B 207 -14.86 3.59 0.57
C ARG B 207 -16.25 4.20 0.69
N ASP B 208 -16.52 5.27 -0.03
CA ASP B 208 -17.87 5.85 -0.02
C ASP B 208 -18.26 6.33 -1.41
N ALA B 209 -19.31 5.74 -1.96
CA ALA B 209 -19.75 6.03 -3.32
C ALA B 209 -20.15 7.49 -3.53
N GLU B 210 -20.44 8.21 -2.44
CA GLU B 210 -20.78 9.63 -2.53
C GLU B 210 -19.65 10.43 -3.15
N GLU B 211 -18.44 9.92 -3.02
CA GLU B 211 -17.27 10.53 -3.65
C GLU B 211 -17.49 10.78 -5.14
N PHE B 212 -18.31 9.93 -5.76
CA PHE B 212 -18.46 9.94 -7.20
C PHE B 212 -19.81 10.45 -7.68
N ARG B 213 -20.60 11.02 -6.77
CA ARG B 213 -21.86 11.62 -7.19
C ARG B 213 -21.58 12.68 -8.26
N GLY B 214 -22.34 12.63 -9.35
CA GLY B 214 -22.22 13.59 -10.42
C GLY B 214 -21.06 13.33 -11.36
N LYS B 215 -20.37 12.21 -11.16
CA LYS B 215 -19.18 11.90 -11.96
C LYS B 215 -19.45 10.80 -12.97
N ASN B 216 -18.68 10.83 -14.05
CA ASN B 216 -18.73 9.77 -15.04
C ASN B 216 -17.75 8.69 -14.63
N VAL B 217 -18.27 7.53 -14.26
CA VAL B 217 -17.45 6.45 -13.70
C VAL B 217 -17.20 5.35 -14.73
N ILE B 218 -15.95 4.93 -14.86
CA ILE B 218 -15.60 3.72 -15.61
C ILE B 218 -15.23 2.63 -14.62
N VAL B 219 -15.82 1.46 -14.77
CA VAL B 219 -15.51 0.27 -13.97
C VAL B 219 -14.95 -0.81 -14.90
N LEU B 220 -13.81 -1.40 -14.57
CA LEU B 220 -13.31 -2.49 -15.39
C LEU B 220 -13.35 -3.80 -14.61
N GLY B 221 -13.93 -4.82 -15.22
CA GLY B 221 -14.01 -6.13 -14.59
C GLY B 221 -15.37 -6.75 -14.83
N SER B 222 -15.51 -8.02 -14.47
CA SER B 222 -16.69 -8.78 -14.83
C SER B 222 -17.18 -9.71 -13.74
N SER B 223 -16.78 -9.45 -12.50
CA SER B 223 -17.18 -10.30 -11.38
C SER B 223 -17.86 -9.48 -10.28
N TYR B 224 -17.88 -10.00 -9.06
CA TYR B 224 -18.65 -9.41 -7.98
C TYR B 224 -18.33 -7.95 -7.70
N SER B 225 -17.04 -7.61 -7.66
CA SER B 225 -16.65 -6.24 -7.40
C SER B 225 -17.14 -5.28 -8.48
N ALA B 226 -16.96 -5.64 -9.75
CA ALA B 226 -17.42 -4.78 -10.83
C ALA B 226 -18.92 -4.58 -10.76
N GLU B 227 -19.63 -5.67 -10.52
CA GLU B 227 -21.08 -5.63 -10.41
C GLU B 227 -21.51 -4.68 -9.28
N ASP B 228 -21.01 -4.90 -8.09
CA ASP B 228 -21.51 -4.14 -6.96
C ASP B 228 -21.01 -2.70 -6.93
N VAL B 229 -19.75 -2.49 -7.28
CA VAL B 229 -19.23 -1.13 -7.35
C VAL B 229 -20.01 -0.32 -8.39
N ALA B 230 -20.29 -0.91 -9.54
CA ALA B 230 -21.06 -0.19 -10.55
C ALA B 230 -22.45 0.19 -10.03
N LEU B 231 -23.12 -0.76 -9.40
CA LEU B 231 -24.45 -0.52 -8.84
C LEU B 231 -24.42 0.48 -7.70
N GLN B 232 -23.36 0.44 -6.90
CA GLN B 232 -23.20 1.35 -5.78
C GLN B 232 -23.05 2.80 -6.30
N CYS B 233 -22.21 2.98 -7.31
CA CYS B 233 -22.05 4.31 -7.90
C CYS B 233 -23.35 4.83 -8.47
N ASN B 234 -24.07 3.99 -9.19
CA ASN B 234 -25.34 4.41 -9.75
C ASN B 234 -26.37 4.75 -8.67
N LYS B 235 -26.39 3.96 -7.61
CA LYS B 235 -27.34 4.18 -6.51
C LYS B 235 -27.06 5.51 -5.81
N TYR B 236 -25.77 5.88 -5.73
CA TYR B 236 -25.35 7.10 -5.06
C TYR B 236 -25.03 8.26 -6.02
N GLY B 237 -25.71 8.24 -7.16
CA GLY B 237 -25.81 9.42 -8.00
C GLY B 237 -24.73 9.70 -9.02
N ALA B 238 -23.97 8.68 -9.41
CA ALA B 238 -22.98 8.89 -10.46
C ALA B 238 -23.70 9.41 -11.70
N LYS B 239 -23.08 10.34 -12.40
CA LYS B 239 -23.67 10.86 -13.64
C LYS B 239 -23.86 9.74 -14.65
N SER B 240 -22.86 8.86 -14.75
CA SER B 240 -22.96 7.68 -15.61
C SER B 240 -22.00 6.62 -15.10
N VAL B 241 -22.32 5.37 -15.39
CA VAL B 241 -21.43 4.26 -15.09
C VAL B 241 -21.24 3.42 -16.36
N THR B 242 -19.99 3.24 -16.76
CA THR B 242 -19.68 2.41 -17.92
C THR B 242 -18.74 1.28 -17.51
N ILE B 243 -19.20 0.06 -17.73
CA ILE B 243 -18.46 -1.14 -17.35
C ILE B 243 -17.77 -1.71 -18.57
N GLY B 244 -16.45 -1.89 -18.49
CA GLY B 244 -15.70 -2.51 -19.56
C GLY B 244 -15.41 -3.95 -19.19
N TYR B 245 -15.56 -4.87 -20.16
CA TYR B 245 -15.25 -6.28 -19.92
C TYR B 245 -14.20 -6.71 -20.93
N ARG B 246 -13.34 -7.64 -20.56
CA ARG B 246 -12.31 -8.13 -21.48
C ARG B 246 -12.80 -9.29 -22.36
N HIS B 247 -13.55 -10.19 -21.75
CA HIS B 247 -13.94 -11.44 -22.42
C HIS B 247 -15.43 -11.47 -22.75
N ASN B 248 -16.26 -11.50 -21.72
CA ASN B 248 -17.71 -11.49 -21.89
C ASN B 248 -18.38 -10.56 -20.90
N PRO B 249 -19.50 -9.95 -21.31
CA PRO B 249 -20.21 -9.09 -20.37
C PRO B 249 -20.88 -9.92 -19.28
N MET B 250 -21.16 -9.28 -18.16
CA MET B 250 -21.94 -9.91 -17.11
C MET B 250 -23.36 -10.12 -17.62
N GLY B 251 -23.86 -9.15 -18.38
CA GLY B 251 -25.11 -9.29 -19.10
C GLY B 251 -26.36 -9.08 -18.28
N PHE B 252 -26.20 -8.49 -17.10
CA PHE B 252 -27.33 -8.19 -16.24
C PHE B 252 -28.18 -7.08 -16.83
N LYS B 253 -29.38 -6.91 -16.27
CA LYS B 253 -30.30 -5.89 -16.70
C LYS B 253 -29.97 -4.57 -16.03
N TRP B 254 -28.97 -3.87 -16.57
CA TRP B 254 -28.48 -2.65 -15.96
C TRP B 254 -29.52 -1.53 -16.06
N PRO B 255 -29.63 -0.70 -15.03
CA PRO B 255 -30.55 0.43 -15.06
C PRO B 255 -30.12 1.53 -16.02
N LYS B 256 -31.03 2.42 -16.37
CA LYS B 256 -30.71 3.52 -17.26
C LYS B 256 -29.52 4.27 -16.72
N GLY B 257 -28.59 4.62 -17.59
CA GLY B 257 -27.42 5.34 -17.17
C GLY B 257 -26.23 4.44 -16.89
N MET B 258 -26.40 3.16 -17.23
CA MET B 258 -25.34 2.19 -17.11
C MET B 258 -25.25 1.37 -18.39
N LYS B 259 -24.05 1.05 -18.80
CA LYS B 259 -23.84 0.19 -19.95
C LYS B 259 -22.58 -0.62 -19.80
N GLU B 260 -22.48 -1.67 -20.58
CA GLU B 260 -21.34 -2.57 -20.56
C GLU B 260 -20.76 -2.65 -21.96
N VAL B 261 -19.46 -2.44 -22.07
CA VAL B 261 -18.80 -2.35 -23.37
C VAL B 261 -17.50 -3.15 -23.38
N HIS B 262 -17.06 -3.56 -24.56
CA HIS B 262 -15.91 -4.45 -24.68
C HIS B 262 -14.54 -3.76 -24.69
N TYR B 263 -13.76 -4.00 -23.64
CA TYR B 263 -12.30 -3.84 -23.60
C TYR B 263 -11.78 -2.39 -23.68
N LEU B 264 -11.30 -1.85 -22.58
CA LEU B 264 -10.72 -0.54 -22.62
C LEU B 264 -9.45 -0.59 -23.45
N ASP B 265 -9.34 0.32 -24.40
CA ASP B 265 -8.16 0.41 -25.24
C ASP B 265 -7.21 1.47 -24.68
N LYS B 266 -7.75 2.63 -24.39
CA LYS B 266 -6.93 3.68 -23.79
C LYS B 266 -7.74 4.80 -23.19
N LEU B 267 -7.10 5.56 -22.31
CA LEU B 267 -7.62 6.80 -21.83
C LEU B 267 -6.90 7.90 -22.59
N ASP B 268 -7.63 8.91 -23.00
CA ASP B 268 -7.11 10.03 -23.72
C ASP B 268 -7.73 11.27 -23.12
N GLY B 269 -7.11 11.78 -22.07
CA GLY B 269 -7.73 12.83 -21.31
C GLY B 269 -8.97 12.30 -20.60
N LYS B 270 -10.01 13.10 -20.57
CA LYS B 270 -11.22 12.74 -19.87
C LYS B 270 -12.08 11.80 -20.71
N LYS B 271 -11.45 10.90 -21.41
CA LYS B 271 -12.15 10.06 -22.37
C LYS B 271 -11.62 8.66 -22.36
N ALA B 272 -12.50 7.69 -22.14
CA ALA B 272 -12.15 6.30 -22.20
C ALA B 272 -12.55 5.78 -23.57
N ILE B 273 -11.63 5.12 -24.25
CA ILE B 273 -11.91 4.58 -25.56
C ILE B 273 -11.78 3.08 -25.54
N PHE B 274 -12.83 2.40 -25.97
CA PHE B 274 -12.89 0.95 -25.92
C PHE B 274 -12.70 0.33 -27.27
N LYS B 275 -12.38 -0.95 -27.29
CA LYS B 275 -12.05 -1.60 -28.53
C LYS B 275 -13.26 -1.74 -29.44
N ASP B 276 -14.45 -1.74 -28.87
CA ASP B 276 -15.65 -1.80 -29.67
C ASP B 276 -16.11 -0.46 -30.20
N GLY B 277 -15.27 0.55 -30.05
CA GLY B 277 -15.52 1.86 -30.60
C GLY B 277 -16.11 2.86 -29.65
N THR B 278 -16.64 2.39 -28.53
CA THR B 278 -17.24 3.27 -27.58
C THR B 278 -16.25 4.33 -27.12
N GLU B 279 -16.71 5.55 -27.03
CA GLU B 279 -15.95 6.63 -26.45
C GLU B 279 -16.78 7.20 -25.33
N GLN B 280 -16.22 7.24 -24.13
CA GLN B 280 -16.98 7.69 -22.98
C GLN B 280 -16.22 8.68 -22.15
N ASP B 281 -16.87 9.76 -21.79
CA ASP B 281 -16.29 10.75 -20.91
C ASP B 281 -16.06 10.08 -19.56
N ALA B 282 -14.87 10.24 -19.03
CA ALA B 282 -14.49 9.60 -17.79
C ALA B 282 -13.86 10.57 -16.81
N ASP B 283 -14.35 10.50 -15.58
CA ASP B 283 -13.83 11.26 -14.46
C ASP B 283 -13.02 10.38 -13.53
N VAL B 284 -13.38 9.11 -13.46
CA VAL B 284 -12.73 8.20 -12.54
C VAL B 284 -12.73 6.81 -13.14
N VAL B 285 -11.64 6.09 -12.94
CA VAL B 285 -11.55 4.70 -13.39
C VAL B 285 -11.38 3.84 -12.16
N ILE B 286 -12.29 2.89 -11.97
CA ILE B 286 -12.24 1.97 -10.85
C ILE B 286 -11.94 0.56 -11.37
N LEU B 287 -10.74 0.08 -11.06
CA LEU B 287 -10.29 -1.21 -11.52
C LEU B 287 -10.82 -2.28 -10.58
N CYS B 288 -11.83 -3.01 -11.04
CA CYS B 288 -12.39 -4.08 -10.21
C CYS B 288 -11.82 -5.38 -10.70
N THR B 289 -10.50 -5.49 -10.60
CA THR B 289 -9.73 -6.47 -11.36
C THR B 289 -9.17 -7.60 -10.51
N GLY B 290 -9.73 -7.78 -9.32
CA GLY B 290 -9.39 -8.91 -8.49
C GLY B 290 -8.17 -8.71 -7.61
N TYR B 291 -7.74 -9.81 -6.99
CA TYR B 291 -6.76 -9.76 -5.92
C TYR B 291 -5.72 -10.87 -6.07
N LEU B 292 -4.62 -10.71 -5.35
CA LEU B 292 -3.56 -11.71 -5.33
C LEU B 292 -3.64 -12.60 -4.09
N HIS B 293 -3.37 -13.89 -4.28
CA HIS B 293 -2.95 -14.71 -3.14
C HIS B 293 -1.52 -14.29 -2.84
N HIS B 294 -1.32 -13.63 -1.70
CA HIS B 294 -0.05 -12.96 -1.45
C HIS B 294 0.45 -13.36 -0.07
N PHE B 295 1.57 -14.07 0.01
CA PHE B 295 2.07 -14.56 1.29
C PHE B 295 3.54 -14.25 1.52
N PRO B 296 3.88 -12.97 1.62
CA PRO B 296 5.29 -12.56 1.75
C PRO B 296 5.91 -13.08 3.05
N PHE B 297 5.07 -13.44 4.01
CA PHE B 297 5.52 -13.89 5.33
C PHE B 297 5.75 -15.40 5.42
N LEU B 298 5.69 -16.08 4.28
CA LEU B 298 5.96 -17.50 4.24
C LEU B 298 7.16 -17.81 3.38
N ASP B 299 7.96 -18.77 3.83
CA ASP B 299 9.07 -19.26 3.05
C ASP B 299 8.55 -19.82 1.73
N GLU B 300 9.36 -19.72 0.69
CA GLU B 300 8.98 -20.23 -0.63
C GLU B 300 8.47 -21.67 -0.59
N SER B 301 9.11 -22.53 0.20
CA SER B 301 8.73 -23.93 0.26
C SER B 301 7.37 -24.16 0.94
N LEU B 302 6.86 -23.13 1.61
CA LEU B 302 5.60 -23.23 2.33
C LEU B 302 4.46 -22.49 1.63
N LYS B 303 4.80 -21.77 0.56
CA LYS B 303 3.93 -20.74 0.00
C LYS B 303 3.00 -21.21 -1.12
N LEU B 304 1.70 -21.18 -0.85
CA LEU B 304 0.68 -21.41 -1.87
C LEU B 304 0.75 -20.35 -2.97
N LYS B 305 0.85 -20.79 -4.22
CA LYS B 305 0.88 -19.89 -5.38
C LYS B 305 -0.26 -20.25 -6.33
N THR B 306 -1.22 -19.35 -6.45
CA THR B 306 -2.40 -19.64 -7.23
C THR B 306 -3.14 -18.38 -7.64
N HIS B 307 -3.95 -18.49 -8.68
N HIS B 307 -3.95 -18.50 -8.69
CA HIS B 307 -4.91 -17.45 -9.01
CA HIS B 307 -4.92 -17.47 -9.04
C HIS B 307 -6.21 -17.80 -8.28
C HIS B 307 -6.21 -17.83 -8.33
N ASN B 308 -7.23 -16.96 -8.41
CA ASN B 308 -8.49 -17.20 -7.72
C ASN B 308 -9.27 -18.29 -8.44
N ARG B 309 -9.48 -19.41 -7.76
CA ARG B 309 -10.11 -20.57 -8.41
C ARG B 309 -10.78 -21.45 -7.36
N LEU B 310 -11.68 -22.32 -7.80
CA LEU B 310 -12.46 -23.11 -6.84
C LEU B 310 -11.67 -24.20 -6.13
N TYR B 311 -10.56 -24.64 -6.71
CA TYR B 311 -9.78 -25.71 -6.10
C TYR B 311 -8.31 -25.67 -6.50
N PRO B 312 -7.54 -24.78 -5.86
CA PRO B 312 -6.10 -24.73 -6.14
C PRO B 312 -5.47 -26.08 -5.78
N PRO B 313 -4.47 -26.52 -6.54
CA PRO B 313 -3.78 -27.77 -6.19
C PRO B 313 -2.86 -27.61 -4.98
N LYS B 314 -2.25 -28.72 -4.57
CA LYS B 314 -1.31 -28.78 -3.47
C LYS B 314 -1.94 -28.60 -2.10
N LEU B 315 -3.26 -28.69 -2.04
CA LEU B 315 -4.00 -28.59 -0.78
C LEU B 315 -4.89 -29.81 -0.60
N TYR B 316 -4.48 -30.74 0.26
CA TYR B 316 -5.29 -31.92 0.55
C TYR B 316 -6.60 -31.50 1.20
N LYS B 317 -7.72 -31.95 0.62
CA LYS B 317 -9.06 -31.52 1.06
C LYS B 317 -9.19 -30.00 1.02
N GLY B 318 -8.38 -29.37 0.18
CA GLY B 318 -8.41 -27.92 0.05
C GLY B 318 -7.80 -27.18 1.22
N VAL B 319 -7.12 -27.91 2.10
CA VAL B 319 -6.64 -27.33 3.35
C VAL B 319 -5.18 -27.64 3.69
N VAL B 320 -4.83 -28.93 3.69
CA VAL B 320 -3.48 -29.33 4.11
C VAL B 320 -2.43 -29.19 3.03
N TRP B 321 -1.42 -28.37 3.29
CA TRP B 321 -0.30 -28.18 2.36
C TRP B 321 0.33 -29.54 2.03
N GLN B 322 0.28 -29.89 0.76
CA GLN B 322 0.61 -31.23 0.35
C GLN B 322 1.93 -31.71 0.86
N ASP B 323 3.01 -30.85 0.86
CA ASP B 323 4.50 -30.76 1.24
CA ASP B 323 4.36 -30.87 1.24
C ASP B 323 4.92 -30.62 2.78
N ASN B 324 3.82 -30.22 3.45
CA ASN B 324 3.98 -30.11 4.89
C ASN B 324 2.63 -30.21 5.60
N HIS B 325 2.33 -31.40 6.09
CA HIS B 325 1.02 -31.70 6.65
C HIS B 325 0.69 -31.03 7.97
N LYS B 326 1.58 -30.16 8.45
CA LYS B 326 1.31 -29.38 9.64
C LYS B 326 1.07 -27.91 9.29
N LEU B 327 1.03 -27.61 7.99
CA LEU B 327 0.64 -26.30 7.49
C LEU B 327 -0.76 -26.39 6.89
N LEU B 328 -1.69 -25.62 7.41
CA LEU B 328 -3.07 -25.69 6.97
C LEU B 328 -3.57 -24.33 6.51
N TYR B 329 -4.14 -24.30 5.31
CA TYR B 329 -4.67 -23.07 4.75
C TYR B 329 -6.19 -23.10 4.83
N LEU B 330 -6.80 -21.99 5.23
CA LEU B 330 -8.26 -21.90 5.24
C LEU B 330 -8.75 -20.82 4.28
N GLY B 331 -9.88 -21.07 3.62
CA GLY B 331 -10.58 -20.05 2.85
C GLY B 331 -9.90 -19.60 1.55
N MET B 332 -8.97 -20.39 1.05
CA MET B 332 -8.14 -19.93 -0.07
C MET B 332 -8.79 -20.18 -1.42
N GLN B 333 -9.88 -20.96 -1.41
CA GLN B 333 -10.69 -21.17 -2.60
C GLN B 333 -11.51 -19.94 -2.96
N ASP B 334 -11.82 -19.80 -4.24
CA ASP B 334 -12.85 -18.84 -4.66
C ASP B 334 -14.16 -19.25 -4.01
N GLN B 335 -15.12 -18.33 -3.92
CA GLN B 335 -16.24 -18.51 -2.99
C GLN B 335 -17.65 -18.31 -3.55
N PHE B 336 -18.45 -19.37 -3.48
CA PHE B 336 -19.90 -19.24 -3.47
C PHE B 336 -20.25 -19.36 -2.00
N HIS B 337 -20.00 -20.53 -1.45
CA HIS B 337 -20.05 -20.70 -0.02
C HIS B 337 -19.01 -19.86 0.64
N THR B 338 -19.32 -19.36 1.83
CA THR B 338 -18.33 -18.74 2.66
C THR B 338 -18.24 -19.26 4.10
N PHE B 339 -19.07 -18.70 4.97
CA PHE B 339 -18.87 -18.93 6.40
C PHE B 339 -18.91 -20.39 6.77
N ASN B 340 -19.92 -21.12 6.32
CA ASN B 340 -20.05 -22.51 6.76
C ASN B 340 -19.10 -23.46 6.02
N MET B 341 -18.56 -23.03 4.88
CA MET B 341 -17.48 -23.78 4.25
C MET B 341 -16.18 -23.56 5.04
N PHE B 342 -15.91 -22.32 5.42
CA PHE B 342 -14.78 -22.05 6.30
C PHE B 342 -14.89 -22.90 7.57
N ASP B 343 -16.09 -22.99 8.13
CA ASP B 343 -16.30 -23.82 9.31
C ASP B 343 -15.92 -25.27 9.05
N CYS B 344 -16.43 -25.84 7.95
CA CYS B 344 -16.12 -27.22 7.62
C CYS B 344 -14.62 -27.45 7.45
N GLN B 345 -13.95 -26.50 6.80
CA GLN B 345 -12.50 -26.54 6.68
C GLN B 345 -11.82 -26.48 8.06
N ALA B 346 -12.30 -25.57 8.91
CA ALA B 346 -11.71 -25.37 10.23
C ALA B 346 -11.91 -26.57 11.16
N TRP B 347 -13.09 -27.16 11.15
CA TRP B 347 -13.33 -28.36 11.93
C TRP B 347 -12.39 -29.47 11.47
N PHE B 348 -12.24 -29.60 10.15
CA PHE B 348 -11.29 -30.55 9.58
C PHE B 348 -9.86 -30.25 10.06
N ALA B 349 -9.41 -29.01 9.89
CA ALA B 349 -8.08 -28.61 10.35
C ALA B 349 -7.86 -28.92 11.83
N ARG B 350 -8.82 -28.54 12.66
CA ARG B 350 -8.75 -28.84 14.09
C ARG B 350 -8.52 -30.33 14.32
N ASP B 351 -9.32 -31.18 13.67
CA ASP B 351 -9.17 -32.62 13.85
C ASP B 351 -7.83 -33.16 13.35
N VAL B 352 -7.30 -32.57 12.27
CA VAL B 352 -5.95 -32.92 11.82
C VAL B 352 -4.93 -32.56 12.91
N ILE B 353 -4.98 -31.32 13.39
CA ILE B 353 -4.07 -30.87 14.45
C ILE B 353 -4.17 -31.75 15.71
N MET B 354 -5.38 -32.13 16.06
CA MET B 354 -5.61 -32.99 17.23
C MET B 354 -5.29 -34.47 16.98
N ASP B 355 -4.85 -34.81 15.79
CA ASP B 355 -4.59 -36.18 15.39
C ASP B 355 -5.79 -37.11 15.42
N LYS B 356 -6.97 -36.55 15.24
CA LYS B 356 -8.20 -37.31 15.10
C LYS B 356 -8.32 -37.84 13.69
N ILE B 357 -7.96 -37.00 12.73
CA ILE B 357 -7.94 -37.39 11.35
C ILE B 357 -6.51 -37.68 11.00
N LYS B 358 -6.32 -38.81 10.34
CA LYS B 358 -5.02 -39.26 9.95
C LYS B 358 -4.77 -38.90 8.49
N MET B 359 -3.55 -38.48 8.16
CA MET B 359 -3.21 -38.25 6.77
C MET B 359 -3.02 -39.59 6.06
N PRO B 360 -3.65 -39.77 4.89
CA PRO B 360 -3.38 -40.98 4.11
C PRO B 360 -1.98 -40.92 3.50
N SER B 361 -1.62 -41.94 2.75
CA SER B 361 -0.30 -42.00 2.13
C SER B 361 -0.11 -40.89 1.12
N ASP B 362 1.13 -40.56 0.81
CA ASP B 362 1.44 -39.52 -0.17
C ASP B 362 0.74 -39.77 -1.50
N ASP B 363 0.69 -41.02 -1.93
CA ASP B 363 0.08 -41.34 -3.21
C ASP B 363 -1.44 -41.14 -3.16
N GLU B 364 -2.05 -41.49 -2.04
CA GLU B 364 -3.47 -41.30 -1.92
C GLU B 364 -3.82 -39.82 -1.84
N ILE B 365 -3.01 -39.06 -1.12
CA ILE B 365 -3.20 -37.60 -1.08
C ILE B 365 -3.13 -37.01 -2.49
N ASP B 366 -2.11 -37.40 -3.24
CA ASP B 366 -1.93 -36.85 -4.57
C ASP B 366 -3.10 -37.26 -5.46
N LYS B 367 -3.55 -38.51 -5.35
CA LYS B 367 -4.69 -38.96 -6.11
C LYS B 367 -5.95 -38.14 -5.78
N ASP B 368 -6.15 -37.85 -4.50
CA ASP B 368 -7.36 -37.14 -4.09
C ASP B 368 -7.36 -35.70 -4.58
N ILE B 369 -6.21 -35.04 -4.50
CA ILE B 369 -6.05 -33.70 -5.06
C ILE B 369 -6.35 -33.70 -6.55
N ASN B 370 -5.74 -34.62 -7.29
CA ASN B 370 -5.97 -34.70 -8.73
C ASN B 370 -7.45 -34.89 -9.09
N LYS B 371 -8.15 -35.70 -8.29
CA LYS B 371 -9.57 -35.95 -8.52
C LYS B 371 -10.39 -34.67 -8.49
N TRP B 372 -10.19 -33.87 -7.45
CA TRP B 372 -10.88 -32.60 -7.29
C TRP B 372 -10.40 -31.53 -8.27
N VAL B 373 -9.10 -31.42 -8.49
CA VAL B 373 -8.60 -30.47 -9.49
C VAL B 373 -9.16 -30.78 -10.89
N SER B 374 -9.21 -32.07 -11.24
CA SER B 374 -9.75 -32.47 -12.54
C SER B 374 -11.21 -32.06 -12.69
N MET B 375 -12.01 -32.27 -11.65
CA MET B 375 -13.39 -31.84 -11.68
C MET B 375 -13.48 -30.32 -11.83
N GLU B 376 -12.68 -29.62 -11.04
CA GLU B 376 -12.71 -28.16 -11.04
C GLU B 376 -12.41 -27.58 -12.42
N GLU B 377 -11.44 -28.15 -13.12
CA GLU B 377 -11.02 -27.62 -14.43
C GLU B 377 -12.11 -27.74 -15.48
N LYS B 378 -13.08 -28.60 -15.24
CA LYS B 378 -14.11 -28.87 -16.22
C LYS B 378 -15.40 -28.08 -16.00
N LEU B 379 -15.47 -27.34 -14.90
CA LEU B 379 -16.67 -26.57 -14.58
C LEU B 379 -16.94 -25.48 -15.61
N GLU B 380 -18.15 -25.45 -16.15
CA GLU B 380 -18.50 -24.58 -17.27
C GLU B 380 -19.43 -23.45 -16.99
N ASN B 381 -20.14 -23.51 -15.87
CA ASN B 381 -21.13 -22.48 -15.57
C ASN B 381 -21.42 -22.45 -14.07
N PRO B 382 -22.15 -21.43 -13.60
CA PRO B 382 -22.35 -21.27 -12.16
C PRO B 382 -23.07 -22.47 -11.52
N ASP B 383 -24.00 -23.09 -12.24
CA ASP B 383 -24.70 -24.25 -11.68
C ASP B 383 -23.73 -25.38 -11.35
N GLN B 384 -22.82 -25.67 -12.28
CA GLN B 384 -21.83 -26.70 -12.05
C GLN B 384 -20.87 -26.30 -10.92
N MET B 385 -20.55 -25.02 -10.82
CA MET B 385 -19.65 -24.53 -9.78
C MET B 385 -20.31 -24.62 -8.40
N ILE B 386 -21.57 -24.25 -8.33
CA ILE B 386 -22.33 -24.39 -7.08
C ILE B 386 -22.40 -25.86 -6.67
N ASP B 387 -22.65 -26.74 -7.63
CA ASP B 387 -22.70 -28.17 -7.36
C ASP B 387 -21.33 -28.65 -6.85
N PHE B 388 -20.26 -28.19 -7.52
CA PHE B 388 -18.90 -28.57 -7.15
C PHE B 388 -18.59 -28.17 -5.71
N GLN B 389 -18.82 -26.91 -5.37
CA GLN B 389 -18.46 -26.47 -4.03
C GLN B 389 -19.40 -27.05 -2.97
N THR B 390 -20.62 -27.37 -3.37
CA THR B 390 -21.52 -28.10 -2.47
C THR B 390 -20.92 -29.45 -2.11
N GLU B 391 -20.51 -30.24 -3.11
CA GLU B 391 -19.93 -31.55 -2.83
C GLU B 391 -18.61 -31.44 -2.06
N TYR B 392 -17.79 -30.44 -2.38
CA TYR B 392 -16.55 -30.22 -1.66
C TYR B 392 -16.84 -30.01 -0.17
N THR B 393 -17.80 -29.14 0.11
CA THR B 393 -18.11 -28.78 1.48
C THR B 393 -18.80 -29.94 2.22
N LYS B 394 -19.70 -30.64 1.53
CA LYS B 394 -20.38 -31.76 2.16
C LYS B 394 -19.40 -32.85 2.54
N GLU B 395 -18.42 -33.12 1.68
CA GLU B 395 -17.45 -34.16 2.01
C GLU B 395 -16.65 -33.80 3.27
N LEU B 396 -16.25 -32.53 3.37
CA LEU B 396 -15.61 -32.05 4.57
C LEU B 396 -16.53 -32.22 5.77
N HIS B 397 -17.78 -31.84 5.59
CA HIS B 397 -18.78 -31.91 6.67
C HIS B 397 -18.83 -33.32 7.26
N ASN B 398 -18.82 -34.32 6.39
CA ASN B 398 -18.95 -35.70 6.83
C ASN B 398 -17.74 -36.29 7.55
N ILE B 399 -16.59 -35.62 7.53
CA ILE B 399 -15.45 -36.19 8.22
C ILE B 399 -15.13 -35.61 9.60
N SER B 400 -15.92 -34.64 10.04
CA SER B 400 -15.79 -34.15 11.40
C SER B 400 -17.17 -33.96 12.05
N ASP B 401 -17.23 -33.19 13.12
CA ASP B 401 -18.47 -33.07 13.89
C ASP B 401 -19.16 -31.72 13.89
N TYR B 402 -18.93 -30.93 12.86
CA TYR B 402 -19.62 -29.66 12.69
C TYR B 402 -21.09 -29.99 12.63
N PRO B 403 -21.94 -29.26 13.35
CA PRO B 403 -23.37 -29.68 13.41
C PRO B 403 -24.19 -29.78 12.13
N LYS B 404 -25.44 -30.22 12.29
CA LYS B 404 -26.35 -30.39 11.16
C LYS B 404 -26.69 -29.09 10.46
N ILE B 405 -26.59 -29.10 9.13
CA ILE B 405 -27.02 -27.97 8.31
C ILE B 405 -27.33 -28.50 6.93
N ASP B 406 -28.32 -27.92 6.27
CA ASP B 406 -28.85 -28.51 5.06
C ASP B 406 -28.15 -27.96 3.82
N PHE B 407 -27.07 -28.60 3.41
CA PHE B 407 -26.33 -28.13 2.24
C PHE B 407 -27.08 -28.36 0.94
N GLU B 408 -28.02 -29.30 0.93
CA GLU B 408 -28.86 -29.44 -0.26
C GLU B 408 -29.80 -28.25 -0.44
N LEU B 409 -30.28 -27.69 0.67
CA LEU B 409 -31.11 -26.49 0.59
C LEU B 409 -30.26 -25.30 0.13
N ILE B 410 -29.04 -25.21 0.66
CA ILE B 410 -28.11 -24.17 0.26
C ILE B 410 -27.79 -24.26 -1.24
N ARG B 411 -27.58 -25.47 -1.73
CA ARG B 411 -27.37 -25.68 -3.17
C ARG B 411 -28.49 -25.06 -4.00
N LYS B 412 -29.74 -25.36 -3.64
CA LYS B 412 -30.90 -24.80 -4.32
C LYS B 412 -30.99 -23.28 -4.20
N HIS B 413 -30.68 -22.78 -3.00
CA HIS B 413 -30.68 -21.34 -2.76
C HIS B 413 -29.72 -20.61 -3.68
N PHE B 414 -28.48 -21.09 -3.78
CA PHE B 414 -27.52 -20.43 -4.67
C PHE B 414 -28.03 -20.39 -6.11
N LYS B 415 -28.62 -21.48 -6.58
CA LYS B 415 -29.09 -21.48 -7.96
C LYS B 415 -30.27 -20.53 -8.16
N GLU B 416 -31.14 -20.45 -7.16
CA GLU B 416 -32.27 -19.52 -7.20
C GLU B 416 -31.77 -18.07 -7.22
N TRP B 417 -30.79 -17.79 -6.36
CA TRP B 417 -30.15 -16.47 -6.30
C TRP B 417 -29.52 -16.09 -7.65
N GLU B 418 -28.79 -17.01 -8.27
CA GLU B 418 -28.23 -16.72 -9.60
C GLU B 418 -29.35 -16.34 -10.57
N HIS B 419 -30.47 -17.05 -10.54
CA HIS B 419 -31.59 -16.69 -11.38
C HIS B 419 -32.17 -15.35 -11.11
N HIS B 420 -32.29 -15.01 -9.84
CA HIS B 420 -32.78 -13.68 -9.44
C HIS B 420 -31.88 -12.60 -10.05
N LYS B 421 -30.59 -12.80 -9.99
CA LYS B 421 -29.65 -11.80 -10.48
C LYS B 421 -29.80 -11.55 -11.98
N VAL B 422 -30.06 -12.60 -12.74
CA VAL B 422 -30.25 -12.43 -14.17
C VAL B 422 -31.60 -11.80 -14.46
N GLU B 423 -32.61 -12.22 -13.72
CA GLU B 423 -33.93 -11.64 -13.89
C GLU B 423 -33.89 -10.15 -13.68
N ASP B 424 -33.34 -9.73 -12.54
CA ASP B 424 -33.25 -8.31 -12.22
C ASP B 424 -32.17 -8.04 -11.17
N ILE B 425 -31.03 -7.54 -11.63
CA ILE B 425 -29.87 -7.30 -10.78
C ILE B 425 -30.15 -6.23 -9.70
N LEU B 426 -31.18 -5.41 -9.90
CA LEU B 426 -31.50 -4.36 -8.93
C LEU B 426 -32.36 -4.85 -7.78
N THR B 427 -33.00 -6.01 -7.95
CA THR B 427 -33.96 -6.45 -6.93
C THR B 427 -33.64 -7.80 -6.29
N TYR B 428 -32.52 -8.41 -6.64
CA TYR B 428 -32.24 -9.73 -6.08
C TYR B 428 -32.11 -9.71 -4.56
N ARG B 429 -31.71 -8.56 -4.00
CA ARG B 429 -31.57 -8.45 -2.55
C ARG B 429 -32.92 -8.29 -1.85
N ASN B 430 -33.99 -8.19 -2.63
CA ASN B 430 -35.33 -8.06 -2.06
C ASN B 430 -36.03 -9.41 -1.94
N LYS B 431 -35.26 -10.50 -2.04
CA LYS B 431 -35.84 -11.84 -2.03
C LYS B 431 -35.68 -12.51 -0.68
N SER B 432 -36.53 -13.51 -0.43
CA SER B 432 -36.55 -14.24 0.84
C SER B 432 -36.04 -15.67 0.68
N PHE B 433 -35.19 -16.09 1.61
CA PHE B 433 -34.72 -17.46 1.67
C PHE B 433 -34.93 -18.05 3.07
N SER B 434 -34.96 -19.37 3.13
CA SER B 434 -35.19 -20.08 4.39
C SER B 434 -33.90 -20.62 4.97
N SER B 435 -33.82 -20.63 6.30
CA SER B 435 -32.63 -21.11 7.00
C SER B 435 -32.41 -22.60 6.83
N PRO B 436 -31.18 -22.99 6.46
CA PRO B 436 -30.82 -24.41 6.32
C PRO B 436 -30.46 -25.00 7.68
N VAL B 437 -30.55 -24.18 8.72
CA VAL B 437 -30.30 -24.63 10.09
C VAL B 437 -31.60 -24.76 10.87
N THR B 438 -32.48 -23.76 10.77
CA THR B 438 -33.70 -23.76 11.59
C THR B 438 -34.98 -23.82 10.76
N GLY B 439 -34.87 -23.69 9.44
CA GLY B 439 -36.03 -23.60 8.58
C GLY B 439 -36.70 -22.24 8.55
N SER B 440 -36.31 -21.33 9.43
CA SER B 440 -36.96 -20.01 9.48
C SER B 440 -36.95 -19.28 8.14
N VAL B 441 -38.10 -18.73 7.77
CA VAL B 441 -38.26 -18.00 6.51
C VAL B 441 -37.96 -16.51 6.71
N ALA B 442 -37.05 -15.97 5.90
CA ALA B 442 -36.70 -14.56 6.05
C ALA B 442 -37.81 -13.66 5.54
N PRO B 443 -38.16 -12.62 6.32
CA PRO B 443 -39.09 -11.61 5.83
C PRO B 443 -38.46 -10.78 4.71
N VAL B 444 -39.28 -10.10 3.91
CA VAL B 444 -38.76 -9.17 2.92
C VAL B 444 -38.53 -7.83 3.59
N HIS B 445 -37.35 -7.23 3.37
CA HIS B 445 -37.00 -5.98 4.04
C HIS B 445 -38.03 -4.89 3.74
N HIS B 446 -38.24 -4.00 4.70
CA HIS B 446 -39.25 -2.95 4.56
C HIS B 446 -38.94 -1.96 3.43
N THR B 447 -37.71 -2.01 2.92
CA THR B 447 -37.29 -1.07 1.88
C THR B 447 -36.51 -1.80 0.79
N PRO B 448 -36.93 -1.60 -0.47
CA PRO B 448 -36.26 -2.16 -1.64
C PRO B 448 -34.82 -1.66 -1.66
N TRP B 449 -33.88 -2.53 -2.02
CA TRP B 449 -32.45 -2.17 -1.93
C TRP B 449 -32.11 -0.88 -2.67
N GLU B 450 -32.67 -0.69 -3.85
CA GLU B 450 -32.40 0.51 -4.64
C GLU B 450 -32.65 1.78 -3.87
N LYS B 451 -33.66 1.76 -3.00
CA LYS B 451 -33.98 2.94 -2.20
C LYS B 451 -33.50 2.85 -0.77
N ALA B 452 -32.86 1.76 -0.43
CA ALA B 452 -32.40 1.61 0.94
C ALA B 452 -31.11 2.37 1.19
N MET B 453 -31.25 3.59 1.72
CA MET B 453 -30.10 4.41 2.06
C MET B 453 -29.80 4.27 3.56
N ASP B 454 -30.80 3.84 4.34
CA ASP B 454 -30.56 3.56 5.76
C ASP B 454 -30.14 2.13 5.91
N ASP B 455 -28.84 1.90 6.01
CA ASP B 455 -28.31 0.56 6.21
C ASP B 455 -27.99 0.28 7.68
N SER B 456 -28.58 1.03 8.60
CA SER B 456 -28.29 0.85 10.01
C SER B 456 -28.78 -0.49 10.49
N MET B 457 -28.07 -1.07 11.44
CA MET B 457 -28.51 -2.30 12.06
C MET B 457 -29.91 -2.14 12.69
N LYS B 458 -30.20 -1.01 13.32
CA LYS B 458 -31.51 -0.81 13.95
C LYS B 458 -32.68 -0.93 12.98
N THR B 459 -32.54 -0.27 11.85
CA THR B 459 -33.57 -0.29 10.83
C THR B 459 -33.72 -1.65 10.22
N PHE B 460 -32.62 -2.36 10.12
CA PHE B 460 -32.65 -3.64 9.50
C PHE B 460 -33.39 -4.59 10.42
N LEU B 461 -33.17 -4.35 11.70
CA LEU B 461 -33.72 -5.15 12.75
C LEU B 461 -35.05 -4.56 13.17
N ASN B 462 -35.58 -3.78 12.26
CA ASN B 462 -36.86 -3.17 12.38
C ASN B 462 -37.20 -2.84 13.83
PA NAP C . 7.55 16.73 6.54
O1A NAP C . 8.47 17.80 6.17
O2A NAP C . 8.14 15.64 7.28
O5B NAP C . 6.33 17.37 7.25
C5B NAP C . 5.39 16.59 7.95
C4B NAP C . 4.24 17.43 8.43
O4B NAP C . 3.26 16.64 9.09
C3B NAP C . 4.67 18.50 9.43
O3B NAP C . 4.23 19.76 9.02
C2B NAP C . 3.93 18.13 10.72
O2B NAP C . 3.51 19.24 11.49
C1B NAP C . 2.73 17.37 10.17
N9A NAP C . 2.07 16.41 11.08
C8A NAP C . 2.63 15.41 11.72
N7A NAP C . 1.72 14.71 12.41
C5A NAP C . 0.54 15.25 12.16
C6A NAP C . -0.85 14.99 12.57
N6A NAP C . -1.10 13.97 13.40
N1A NAP C . -1.78 15.78 12.08
C2A NAP C . -1.51 16.79 11.25
N3A NAP C . -0.27 17.08 10.85
C4A NAP C . 0.77 16.36 11.26
O3 NAP C . 6.97 16.03 5.21
PN NAP C . 6.44 16.75 3.91
O1N NAP C . 5.76 18.00 4.11
O2N NAP C . 5.68 15.71 3.16
O5D NAP C . 7.76 16.97 3.06
C5D NAP C . 8.57 15.89 2.59
C4D NAP C . 9.34 16.13 1.28
O4D NAP C . 8.46 16.27 0.19
C3D NAP C . 10.18 17.40 1.31
O3D NAP C . 11.47 17.05 0.85
C2D NAP C . 9.59 18.32 0.28
O2D NAP C . 10.60 19.03 -0.44
C1D NAP C . 8.92 17.34 -0.65
N1N NAP C . 7.85 17.93 -1.44
C2N NAP C . 8.16 18.71 -2.49
C3N NAP C . 7.18 19.27 -3.29
C7N NAP C . 7.50 20.16 -4.48
O7N NAP C . 6.85 21.16 -4.62
N7N NAP C . 8.44 19.81 -5.33
C4N NAP C . 5.86 19.00 -3.00
C5N NAP C . 5.56 18.17 -1.93
C6N NAP C . 6.57 17.64 -1.18
P2B NAP C . 2.97 19.20 12.99
O1X NAP C . 1.56 18.89 12.86
O2X NAP C . 3.84 18.21 13.57
O3X NAP C . 3.20 20.57 13.44
PA FAD D . 14.14 8.08 -3.57
O1A FAD D . 12.90 7.82 -2.84
O2A FAD D . 14.07 9.11 -4.61
O5B FAD D . 14.72 6.77 -4.14
C5B FAD D . 14.61 5.56 -3.42
C4B FAD D . 14.45 4.38 -4.36
O4B FAD D . 14.62 3.19 -3.66
C3B FAD D . 13.11 4.32 -5.07
O3B FAD D . 13.34 4.17 -6.44
C2B FAD D . 12.47 3.05 -4.54
O2B FAD D . 11.75 2.37 -5.54
C1B FAD D . 13.69 2.24 -4.14
N9A FAD D . 13.41 1.22 -3.11
C8A FAD D . 12.83 1.44 -1.93
N7A FAD D . 12.77 0.30 -1.23
C5A FAD D . 13.32 -0.67 -1.97
C6A FAD D . 13.58 -2.10 -1.83
N6A FAD D . 13.21 -2.74 -0.73
N1A FAD D . 14.20 -2.74 -2.84
C2A FAD D . 14.58 -2.09 -3.94
N3A FAD D . 14.36 -0.81 -4.15
C4A FAD D . 13.76 -0.04 -3.21
N1 FAD D . 13.83 17.44 -3.76
C2 FAD D . 14.29 18.51 -4.44
O2 FAD D . 15.50 18.75 -4.41
N3 FAD D . 13.50 19.29 -5.15
C4 FAD D . 12.20 19.09 -5.25
O4 FAD D . 11.46 19.82 -5.88
C4X FAD D . 11.62 17.94 -4.51
N5 FAD D . 10.32 17.68 -4.57
C5X FAD D . 9.82 16.63 -3.90
C6 FAD D . 8.47 16.38 -3.96
C7 FAD D . 7.94 15.31 -3.27
C7M FAD D . 6.49 15.02 -3.33
C8 FAD D . 8.81 14.43 -2.47
C8M FAD D . 8.21 13.26 -1.73
C9 FAD D . 10.15 14.67 -2.41
C9A FAD D . 10.70 15.75 -3.09
N10 FAD D . 12.08 15.99 -3.06
C10 FAD D . 12.54 17.12 -3.75
C1' FAD D . 13.03 15.26 -2.24
C2' FAD D . 13.57 13.90 -2.59
O2' FAD D . 13.77 13.21 -1.38
C3' FAD D . 14.94 13.96 -3.22
O3' FAD D . 14.91 14.81 -4.34
C4' FAD D . 15.33 12.58 -3.71
O4' FAD D . 14.26 12.07 -4.49
C5' FAD D . 15.76 11.58 -2.65
O5' FAD D . 16.28 10.50 -3.36
P FAD D . 16.69 9.15 -2.74
O1P FAD D . 17.47 8.38 -3.68
O2P FAD D . 17.30 9.32 -1.42
O3P FAD D . 15.28 8.43 -2.52
PA NAP E . -12.69 -11.84 -8.92
O1A NAP E . -13.95 -12.71 -8.72
O2A NAP E . -11.45 -12.61 -8.78
O5B NAP E . -12.81 -11.23 -10.35
C5B NAP E . -11.78 -10.48 -10.96
C4B NAP E . -12.19 -9.80 -12.22
O4B NAP E . -11.12 -9.06 -12.77
C3B NAP E . -12.59 -10.79 -13.26
O3B NAP E . -13.92 -10.51 -13.64
C2B NAP E . -11.69 -10.58 -14.34
O2B NAP E . -12.36 -10.78 -15.62
C1B NAP E . -11.22 -9.22 -14.16
N9A NAP E . -9.87 -8.92 -14.71
C8A NAP E . -8.73 -9.61 -14.51
N7A NAP E . -7.73 -8.98 -15.16
C5A NAP E . -8.22 -7.87 -15.75
C6A NAP E . -7.69 -6.84 -16.54
N6A NAP E . -6.25 -6.88 -16.87
N1A NAP E . -8.45 -5.84 -16.99
C2A NAP E . -9.74 -5.82 -16.68
N3A NAP E . -10.31 -6.79 -15.93
C4A NAP E . -9.58 -7.82 -15.45
O3 NAP E . -12.62 -10.62 -7.89
PN NAP E . -13.73 -9.69 -7.35
O1N NAP E . -14.71 -9.25 -8.41
O2N NAP E . -13.07 -8.53 -6.66
O5D NAP E . -14.55 -10.51 -6.28
C5D NAP E . -13.90 -10.97 -5.14
C4D NAP E . -14.65 -11.00 -3.87
O4D NAP E . -15.25 -9.69 -3.63
C3D NAP E . -15.77 -11.98 -3.92
O3D NAP E . -15.72 -12.83 -2.87
C2D NAP E . -17.00 -11.23 -3.76
O2D NAP E . -17.83 -11.86 -2.90
C1D NAP E . -16.54 -9.96 -3.13
N1N NAP E . -17.48 -8.85 -3.26
C2N NAP E . -18.83 -8.75 -2.76
C3N NAP E . -19.50 -7.40 -2.73
C7N NAP E . -20.83 -7.18 -1.98
O7N NAP E . -21.75 -6.57 -2.52
N7N NAP E . -21.02 -7.68 -0.60
C4N NAP E . -18.92 -6.25 -3.53
C5N NAP E . -17.52 -6.43 -3.96
C6N NAP E . -16.88 -7.77 -3.99
P2B NAP E . -11.59 -10.92 -17.04
O1X NAP E . -11.17 -9.53 -17.47
O2X NAP E . -10.38 -11.80 -16.84
O3X NAP E . -12.59 -11.55 -18.01
PA FAD F . -10.39 -12.10 5.74
O1A FAD F . -9.70 -11.26 4.71
O2A FAD F . -11.71 -11.63 6.09
O5B FAD F . -9.48 -12.14 7.01
C5B FAD F . -8.08 -12.21 6.92
C4B FAD F . -7.44 -11.56 8.13
O4B FAD F . -6.07 -11.86 8.11
C3B FAD F . -7.58 -10.05 8.08
O3B FAD F . -8.12 -9.61 9.30
C2B FAD F . -6.15 -9.57 7.93
O2B FAD F . -5.96 -8.40 8.70
C1B FAD F . -5.35 -10.71 8.49
N9A FAD F . -3.95 -10.77 8.01
C8A FAD F . -3.51 -10.75 6.75
N7A FAD F . -2.18 -10.84 6.70
C5A FAD F . -1.75 -10.90 7.96
C6A FAD F . -0.46 -10.99 8.62
N6A FAD F . 0.66 -11.04 7.88
N1A FAD F . -0.43 -11.03 9.97
C2A FAD F . -1.55 -11.00 10.67
N3A FAD F . -2.76 -10.89 10.15
C4A FAD F . -2.93 -10.86 8.81
N1 FAD F . -18.69 -12.93 1.53
C2 FAD F . -19.97 -13.18 1.77
O2 FAD F . -20.23 -14.32 2.17
N3 FAD F . -20.93 -12.29 1.64
C4 FAD F . -20.69 -11.06 1.23
O4 FAD F . -21.60 -10.25 1.10
C4X FAD F . -19.30 -10.69 0.92
N5 FAD F . -18.97 -9.48 0.50
C5X FAD F . -17.69 -9.19 0.22
C6 FAD F . -17.36 -7.92 -0.20
C7 FAD F . -16.05 -7.61 -0.50
C7M FAD F . -15.72 -6.23 -0.96
C8 FAD F . -15.00 -8.61 -0.35
C8M FAD F . -13.56 -8.29 -0.66
C9 FAD F . -15.33 -9.88 0.09
C9A FAD F . -16.63 -10.20 0.38
N10 FAD F . -16.95 -11.48 0.84
C10 FAD F . -18.29 -11.73 1.09
C1' FAD F . -15.99 -12.56 0.94
C2' FAD F . -14.99 -12.71 2.05
O2' FAD F . -13.90 -13.39 1.52
C3' FAD F . -15.50 -13.59 3.18
O3' FAD F . -16.74 -13.07 3.59
C4' FAD F . -14.52 -13.55 4.35
O4' FAD F . -14.27 -12.21 4.72
C5' FAD F . -13.23 -14.31 4.16
O5' FAD F . -12.64 -14.35 5.42
P FAD F . -11.19 -14.79 5.70
O1P FAD F . -10.98 -14.92 7.13
O2P FAD F . -10.83 -15.97 4.93
O3P FAD F . -10.27 -13.57 5.22
#